data_3S2A
#
_entry.id   3S2A
#
_cell.length_a   144.465
_cell.length_b   68.169
_cell.length_c   107.347
_cell.angle_alpha   90.000
_cell.angle_beta   94.800
_cell.angle_gamma   90.000
#
_symmetry.space_group_name_H-M   'C 1 2 1'
#
loop_
_entity.id
_entity.type
_entity.pdbx_description
1 polymer 'Phosphatidylinositol-4,5-bisphosphate 3-kinase catalytic subunit gamma isoform'
2 non-polymer 'SULFATE ION'
3 non-polymer N-{2-chloro-5-[4-(morpholin-4-yl)quinolin-6-yl]pyridin-3-yl}-4-fluorobenzenesulfonamide
4 water water
#
_entity_poly.entity_id   1
_entity_poly.type   'polypeptide(L)'
_entity_poly.pdbx_seq_one_letter_code
;GSEESQAFQRQLTALIGYDVTDVSNVHDDELEFTRRGLVTPRMAEVASRDPKLYAMHPWVTSKPLPEYLWKKIANNCIFI
VIHRSTTSQTIKVSPDDTPGAILQSFFTKMAKKKSLMDIPESQSEQDFVLRVCGRDEYLVGETPIKNFQWVRHCLKNGEE
IHVVLDTPPDPALDEVRKEEWPLVDDCTGVTGYHEQLTIHGKDHESVFTVSLWDCDRKFRVKIRGIDIPVLPRNTDLTVF
VEANIQHGQQVLCQRRTSPKPFTEEVLWNVWLEFSIKIKDLPKGALLNLQIYCGKAPALSSKASAESPSSESKGKVQLLY
YVNLLLIDHRFLLRRGEYVLHMWQISGKGEDQGSFNADKLTSATNPDKENSMSISILLDNYCHPIALPKHQPTPDPEGDR
VRAEMPNQLRKQLEAIIATDPLNPLTAEDKELLWHFRYESLKHPKAYPKLFSSVKWGQQEIVAKTYQLLARREVWDQSAL
DVGLTMQLLDCNFSDENVRAIAVQKLESLEDDDVLHYLLQLVQAVKFEPYHDSALARFLLKRGLRNKRIGHFLFWFLRSE
IAQSRHYQQRFAVILEAYLRGCGTAMLHDFTQQVQVIEMLQKVTLDIKSLSAEKYDVSSQVISQLKQKLENLQNSQLPES
FRVPYDPGLKAGALAIEKCKVMASKKKPLWLEFKCADPTALSNETIGIIFKHGDDLRQDMLILQILRIMESIWETESLDL
CLLPYGCISTGDKIGMIEIVKDATTIAKIQQSTVGNTGAFKDEVLNHWLKEKSPTEEKFQAAVERFVYSCAGYCVATFVL
GIGDRHNDNIMITETGNLFHIDFGHILGNYKSFLGINKERVPFVLTPDFLFVMGTSGKKTSPHFQKFQDICVKAYLALRH
HTNLLIILFSMMLMTGMPQLTSKEDIEYIRDALTVGKNEEDAKKYFLDQIEVCRDKGWTVQFNWFLHLVLGIKQGEKHSA
;
_entity_poly.pdbx_strand_id   A
#
loop_
_chem_comp.id
_chem_comp.type
_chem_comp.name
_chem_comp.formula
2NQ non-polymer N-{2-chloro-5-[4-(morpholin-4-yl)quinolin-6-yl]pyridin-3-yl}-4-fluorobenzenesulfonamide 'C24 H20 Cl F N4 O3 S'
SO4 non-polymer 'SULFATE ION' 'O4 S -2'
#
# COMPACT_ATOMS: atom_id res chain seq x y z
N SER A 2 -14.44 -24.42 25.65
CA SER A 2 -15.91 -24.12 25.69
C SER A 2 -16.55 -24.11 24.29
N GLU A 3 -17.84 -23.82 24.24
CA GLU A 3 -18.58 -23.69 22.98
C GLU A 3 -18.71 -22.22 22.56
N GLU A 4 -18.85 -21.33 23.54
CA GLU A 4 -18.82 -19.89 23.31
C GLU A 4 -17.44 -19.48 22.76
N SER A 5 -16.39 -20.10 23.27
CA SER A 5 -15.03 -19.91 22.76
C SER A 5 -14.68 -20.93 21.68
N GLN A 6 -15.65 -21.19 20.80
CA GLN A 6 -15.46 -22.10 19.68
C GLN A 6 -16.15 -21.50 18.47
N ALA A 7 -17.44 -21.18 18.64
CA ALA A 7 -18.22 -20.45 17.64
C ALA A 7 -17.72 -19.01 17.43
N PHE A 8 -16.94 -18.51 18.38
CA PHE A 8 -16.32 -17.19 18.29
C PHE A 8 -15.08 -17.22 17.40
N GLN A 9 -14.35 -18.33 17.44
CA GLN A 9 -13.21 -18.55 16.55
C GLN A 9 -13.71 -18.81 15.13
N ARG A 10 -14.86 -19.48 15.02
CA ARG A 10 -15.55 -19.67 13.74
C ARG A 10 -15.91 -18.32 13.14
N GLN A 11 -16.29 -17.39 14.02
CA GLN A 11 -16.59 -16.02 13.62
C GLN A 11 -15.32 -15.29 13.18
N LEU A 12 -14.27 -15.36 14.00
CA LEU A 12 -12.97 -14.81 13.64
C LEU A 12 -12.51 -15.34 12.28
N THR A 13 -12.63 -16.65 12.09
CA THR A 13 -12.20 -17.29 10.85
C THR A 13 -12.89 -16.70 9.62
N ALA A 14 -14.21 -16.57 9.67
CA ALA A 14 -14.98 -16.07 8.54
C ALA A 14 -14.71 -14.60 8.25
N LEU A 15 -14.39 -13.84 9.28
CA LEU A 15 -13.97 -12.45 9.12
C LEU A 15 -12.57 -12.34 8.53
N ILE A 16 -11.70 -13.29 8.90
CA ILE A 16 -10.30 -13.30 8.50
C ILE A 16 -10.13 -13.84 7.08
N GLY A 17 -10.95 -14.82 6.72
CA GLY A 17 -10.82 -15.49 5.42
C GLY A 17 -9.80 -16.61 5.43
N TYR A 18 -9.25 -16.89 6.61
CA TYR A 18 -8.28 -17.97 6.82
C TYR A 18 -8.41 -18.57 8.24
N ASP A 19 -8.15 -19.86 8.36
CA ASP A 19 -8.21 -20.57 9.63
C ASP A 19 -6.86 -20.54 10.34
N VAL A 20 -6.78 -19.78 11.43
CA VAL A 20 -5.52 -19.49 12.12
C VAL A 20 -5.06 -20.64 13.04
N THR A 21 -6.03 -21.38 13.61
CA THR A 21 -5.72 -22.53 14.46
C THR A 21 -5.21 -23.72 13.65
N ASP A 22 -5.32 -23.59 12.33
CA ASP A 22 -4.98 -24.69 11.40
C ASP A 22 -3.50 -24.96 11.40
N VAL A 23 -3.14 -26.23 11.38
CA VAL A 23 -1.72 -26.65 11.34
C VAL A 23 -1.40 -27.63 10.21
N SER A 24 -2.27 -27.68 9.21
CA SER A 24 -2.08 -28.50 8.00
C SER A 24 -0.83 -28.14 7.20
N ASN A 25 -0.42 -26.87 7.27
CA ASN A 25 0.76 -26.39 6.56
C ASN A 25 1.81 -25.68 7.42
N VAL A 26 2.32 -26.40 8.41
CA VAL A 26 3.45 -25.92 9.21
C VAL A 26 4.52 -26.99 9.31
N HIS A 27 5.66 -26.63 9.90
CA HIS A 27 6.75 -27.56 10.17
C HIS A 27 7.47 -27.16 11.44
N ASP A 28 7.01 -26.07 12.05
CA ASP A 28 7.39 -25.69 13.41
C ASP A 28 6.22 -24.94 14.03
N ASP A 29 6.42 -24.33 15.18
CA ASP A 29 5.30 -23.70 15.89
C ASP A 29 5.32 -22.17 15.88
N GLU A 30 6.06 -21.58 14.92
CA GLU A 30 6.24 -20.12 14.90
C GLU A 30 4.92 -19.34 14.91
N LEU A 31 3.98 -19.74 14.04
CA LEU A 31 2.67 -19.08 13.94
C LEU A 31 1.91 -19.08 15.25
N GLU A 32 1.92 -20.23 15.93
CA GLU A 32 1.23 -20.39 17.19
C GLU A 32 1.94 -19.59 18.28
N PHE A 33 3.27 -19.60 18.22
CA PHE A 33 4.12 -18.82 19.12
C PHE A 33 3.85 -17.33 18.96
N THR A 34 3.61 -16.90 17.72
CA THR A 34 3.29 -15.52 17.39
C THR A 34 1.92 -15.09 17.94
N ARG A 35 0.94 -15.98 17.88
CA ARG A 35 -0.38 -15.71 18.43
C ARG A 35 -0.30 -15.42 19.94
N ARG A 36 0.44 -16.25 20.67
CA ARG A 36 0.59 -16.10 22.10
C ARG A 36 1.45 -14.89 22.46
N GLY A 37 2.39 -14.56 21.57
CA GLY A 37 3.26 -13.42 21.78
C GLY A 37 2.59 -12.08 21.53
N LEU A 38 1.53 -12.07 20.72
CA LEU A 38 0.83 -10.84 20.38
C LEU A 38 -0.24 -10.45 21.40
N VAL A 39 -0.47 -11.32 22.37
CA VAL A 39 -1.47 -11.09 23.42
C VAL A 39 -1.06 -9.88 24.26
N THR A 40 0.23 -9.82 24.58
CA THR A 40 0.76 -8.78 25.47
C THR A 40 0.61 -7.36 24.88
N PRO A 41 1.11 -7.13 23.65
CA PRO A 41 0.99 -5.81 23.03
C PRO A 41 -0.45 -5.38 22.74
N ARG A 42 -1.31 -6.35 22.42
CA ARG A 42 -2.76 -6.13 22.31
C ARG A 42 -3.32 -5.58 23.62
N MET A 43 -3.04 -6.29 24.71
CA MET A 43 -3.52 -5.94 26.03
C MET A 43 -3.10 -4.53 26.44
N ALA A 44 -1.81 -4.23 26.30
CA ALA A 44 -1.27 -2.95 26.75
C ALA A 44 -1.97 -1.79 26.03
N GLU A 45 -2.05 -1.89 24.70
CA GLU A 45 -2.72 -0.88 23.89
C GLU A 45 -4.21 -0.75 24.20
N VAL A 46 -4.89 -1.88 24.37
CA VAL A 46 -6.31 -1.84 24.73
C VAL A 46 -6.47 -1.12 26.08
N ALA A 47 -5.73 -1.58 27.08
CA ALA A 47 -5.86 -1.05 28.44
C ALA A 47 -5.52 0.44 28.59
N SER A 48 -4.68 0.97 27.71
CA SER A 48 -4.25 2.36 27.85
C SER A 48 -4.92 3.37 26.93
N ARG A 49 -5.82 2.91 26.06
CA ARG A 49 -6.57 3.80 25.18
C ARG A 49 -7.78 4.36 25.90
N ASP A 50 -7.99 5.66 25.76
CA ASP A 50 -9.14 6.34 26.36
C ASP A 50 -10.41 5.81 25.68
N PRO A 51 -11.29 5.14 26.46
CA PRO A 51 -12.46 4.47 25.88
C PRO A 51 -13.35 5.41 25.08
N LYS A 52 -13.49 6.64 25.60
CA LYS A 52 -14.30 7.70 24.99
C LYS A 52 -13.72 8.17 23.66
N LEU A 53 -12.41 8.48 23.64
CA LEU A 53 -11.73 8.92 22.42
C LEU A 53 -11.61 7.81 21.37
N TYR A 54 -11.55 6.56 21.85
CA TYR A 54 -11.55 5.41 20.96
C TYR A 54 -12.86 5.26 20.19
N ALA A 55 -13.98 5.52 20.86
CA ALA A 55 -15.30 5.29 20.27
C ALA A 55 -15.73 6.38 19.30
N MET A 56 -15.23 7.59 19.51
CA MET A 56 -15.55 8.71 18.63
C MET A 56 -14.45 8.98 17.61
N HIS A 57 -13.29 8.36 17.82
CA HIS A 57 -12.16 8.38 16.89
C HIS A 57 -11.95 9.71 16.16
N PRO A 58 -11.75 10.81 16.91
CA PRO A 58 -11.56 12.06 16.18
C PRO A 58 -10.44 11.94 15.16
N TRP A 59 -10.72 12.30 13.91
CA TRP A 59 -9.70 12.31 12.88
C TRP A 59 -9.03 13.68 12.81
N VAL A 60 -7.87 13.79 13.45
CA VAL A 60 -7.17 15.07 13.58
C VAL A 60 -5.74 15.08 13.01
N THR A 61 -5.24 16.29 12.74
CA THR A 61 -3.88 16.54 12.29
C THR A 61 -3.25 17.67 13.08
N SER A 62 -1.93 17.61 13.26
CA SER A 62 -1.19 18.72 13.88
C SER A 62 -0.30 19.46 12.89
N LYS A 63 -0.57 19.25 11.60
CA LYS A 63 0.16 19.92 10.52
C LYS A 63 -0.35 21.34 10.33
N PRO A 64 0.51 22.23 9.80
CA PRO A 64 0.04 23.59 9.51
C PRO A 64 -1.00 23.60 8.41
N LEU A 65 -1.92 24.56 8.48
CA LEU A 65 -2.88 24.78 7.40
C LEU A 65 -2.16 25.47 6.24
N PRO A 66 -2.23 24.87 5.04
CA PRO A 66 -1.49 25.32 3.86
C PRO A 66 -1.89 26.72 3.37
N GLU A 67 -1.03 27.32 2.54
CA GLU A 67 -1.27 28.66 1.98
C GLU A 67 -2.44 28.68 0.99
N TYR A 68 -2.73 27.52 0.40
CA TYR A 68 -3.83 27.40 -0.55
C TYR A 68 -5.20 27.34 0.13
N LEU A 69 -5.22 27.03 1.43
CA LEU A 69 -6.47 27.00 2.18
C LEU A 69 -6.74 28.27 2.99
N TRP A 70 -5.69 28.97 3.40
CA TRP A 70 -5.85 30.24 4.12
C TRP A 70 -6.54 31.29 3.25
N LYS A 71 -6.12 31.36 1.98
CA LYS A 71 -6.65 32.33 1.02
C LYS A 71 -8.13 32.10 0.66
N LYS A 72 -8.77 31.14 1.35
CA LYS A 72 -10.18 30.81 1.15
C LYS A 72 -11.03 31.02 2.41
N ILE A 73 -10.43 31.65 3.43
CA ILE A 73 -11.18 32.02 4.64
C ILE A 73 -11.82 33.40 4.47
N ALA A 74 -12.85 33.66 5.27
CA ALA A 74 -13.42 35.02 5.38
C ALA A 74 -12.77 35.73 6.56
N ASN A 75 -11.50 36.07 6.39
CA ASN A 75 -10.67 36.72 7.42
C ASN A 75 -10.90 36.29 8.87
N ASN A 76 -10.28 35.17 9.24
CA ASN A 76 -10.28 34.65 10.61
C ASN A 76 -11.68 34.24 11.11
N CYS A 77 -12.52 33.77 10.20
CA CYS A 77 -13.89 33.34 10.53
C CYS A 77 -14.39 32.21 9.64
N ILE A 78 -14.80 31.11 10.27
CA ILE A 78 -15.46 29.99 9.57
C ILE A 78 -16.88 29.75 10.09
N PHE A 79 -17.74 29.25 9.20
CA PHE A 79 -19.16 29.02 9.52
C PHE A 79 -19.44 27.56 9.84
N ILE A 80 -20.14 27.34 10.95
CA ILE A 80 -20.57 25.99 11.35
C ILE A 80 -22.06 25.97 11.64
N VAL A 81 -22.79 25.15 10.89
CA VAL A 81 -24.23 25.02 11.06
C VAL A 81 -24.57 23.85 11.98
N ILE A 82 -25.00 24.16 13.20
CA ILE A 82 -25.46 23.13 14.13
C ILE A 82 -26.95 22.88 13.87
N HIS A 83 -27.42 21.67 14.18
CA HIS A 83 -28.76 21.24 13.79
C HIS A 83 -29.70 20.83 14.93
N ARG A 84 -30.97 21.17 14.76
CA ARG A 84 -32.06 20.77 15.67
C ARG A 84 -32.67 19.43 15.24
N SER A 85 -33.91 19.47 14.77
CA SER A 85 -34.55 18.30 14.17
C SER A 85 -34.74 18.58 12.68
N THR A 86 -35.70 19.47 12.38
CA THR A 86 -35.93 19.96 11.01
C THR A 86 -35.09 21.22 10.72
N THR A 87 -34.93 22.08 11.73
CA THR A 87 -34.27 23.38 11.55
C THR A 87 -32.79 23.36 11.97
N SER A 88 -32.15 24.53 11.90
CA SER A 88 -30.71 24.64 12.15
C SER A 88 -30.28 26.04 12.59
N GLN A 89 -29.25 26.09 13.43
CA GLN A 89 -28.65 27.34 13.87
C GLN A 89 -27.24 27.47 13.28
N THR A 90 -26.82 28.71 13.00
CA THR A 90 -25.55 28.96 12.34
C THR A 90 -24.62 29.82 13.20
N ILE A 91 -23.42 29.32 13.46
CA ILE A 91 -22.49 29.96 14.39
C ILE A 91 -21.23 30.53 13.71
N LYS A 92 -20.85 31.74 14.11
CA LYS A 92 -19.59 32.36 13.69
C LYS A 92 -18.44 31.84 14.57
N VAL A 93 -17.36 31.42 13.92
CA VAL A 93 -16.27 30.71 14.62
C VAL A 93 -14.89 31.21 14.17
N SER A 94 -13.88 30.96 15.00
CA SER A 94 -12.48 31.24 14.65
C SER A 94 -11.66 29.94 14.72
N PRO A 95 -10.70 29.77 13.79
CA PRO A 95 -9.96 28.52 13.57
C PRO A 95 -9.42 27.82 14.82
N ASP A 96 -9.30 28.56 15.92
CA ASP A 96 -8.69 28.05 17.14
C ASP A 96 -9.72 27.57 18.17
N ASP A 97 -11.00 27.77 17.84
CA ASP A 97 -12.11 27.36 18.70
C ASP A 97 -12.24 25.84 18.87
N THR A 98 -11.58 25.32 19.90
CA THR A 98 -11.67 23.91 20.27
C THR A 98 -13.14 23.48 20.41
N PRO A 99 -13.51 22.26 19.94
CA PRO A 99 -14.88 21.76 19.98
C PRO A 99 -15.71 22.23 21.17
N GLY A 100 -15.12 22.20 22.36
CA GLY A 100 -15.79 22.60 23.60
C GLY A 100 -16.13 24.07 23.75
N ALA A 101 -15.50 24.92 22.92
CA ALA A 101 -15.71 26.37 22.95
C ALA A 101 -17.04 26.82 22.33
N ILE A 102 -17.75 25.87 21.71
CA ILE A 102 -19.07 26.14 21.11
C ILE A 102 -20.05 24.99 21.30
N ASP A 127 -23.31 14.33 28.53
CA ASP A 127 -23.08 15.57 27.79
C ASP A 127 -23.49 15.47 26.31
N PHE A 128 -23.08 16.46 25.53
CA PHE A 128 -23.45 16.56 24.12
C PHE A 128 -22.20 16.64 23.25
N VAL A 129 -22.33 16.20 22.00
CA VAL A 129 -21.20 16.06 21.09
C VAL A 129 -21.60 16.48 19.68
N LEU A 130 -20.63 17.00 18.92
CA LEU A 130 -20.87 17.49 17.55
C LEU A 130 -20.53 16.45 16.47
N ARG A 131 -21.52 15.69 16.03
CA ARG A 131 -21.32 14.68 15.00
C ARG A 131 -21.68 15.24 13.62
N VAL A 132 -20.80 15.03 12.64
CA VAL A 132 -21.02 15.48 11.27
C VAL A 132 -22.27 14.86 10.64
N CYS A 133 -23.08 15.69 10.00
CA CYS A 133 -24.35 15.25 9.41
C CYS A 133 -24.16 14.12 8.38
N GLY A 134 -24.85 13.01 8.63
CA GLY A 134 -24.85 11.85 7.73
C GLY A 134 -23.62 10.95 7.78
N ARG A 135 -22.74 11.19 8.76
CA ARG A 135 -21.48 10.45 8.89
C ARG A 135 -21.13 10.11 10.32
N ASP A 136 -20.57 8.92 10.54
CA ASP A 136 -20.00 8.57 11.84
C ASP A 136 -18.63 9.22 11.99
N GLU A 137 -18.63 10.55 12.04
CA GLU A 137 -17.44 11.38 12.15
C GLU A 137 -17.71 12.49 13.15
N TYR A 138 -16.79 12.63 14.11
CA TYR A 138 -17.00 13.50 15.25
C TYR A 138 -16.00 14.65 15.32
N LEU A 139 -16.49 15.81 15.76
CA LEU A 139 -15.62 16.96 16.04
C LEU A 139 -15.44 17.09 17.54
N VAL A 140 -14.58 16.25 18.11
CA VAL A 140 -14.35 16.21 19.57
C VAL A 140 -12.85 16.16 19.89
N GLY A 141 -12.51 16.63 21.10
CA GLY A 141 -11.15 16.51 21.61
C GLY A 141 -10.39 17.82 21.72
N GLU A 142 -9.23 17.75 22.38
CA GLU A 142 -8.43 18.94 22.63
C GLU A 142 -7.58 19.33 21.42
N THR A 143 -8.25 19.85 20.40
CA THR A 143 -7.61 20.36 19.18
C THR A 143 -8.43 21.50 18.59
N PRO A 144 -7.77 22.53 18.03
CA PRO A 144 -8.48 23.55 17.28
C PRO A 144 -9.26 22.94 16.12
N ILE A 145 -10.31 23.60 15.67
CA ILE A 145 -11.11 23.05 14.57
C ILE A 145 -10.42 23.15 13.22
N LYS A 146 -9.40 24.00 13.12
CA LYS A 146 -8.54 24.04 11.94
C LYS A 146 -7.70 22.76 11.85
N ASN A 147 -7.67 22.00 12.95
CA ASN A 147 -6.91 20.75 13.01
C ASN A 147 -7.76 19.50 12.82
N PHE A 148 -8.91 19.65 12.19
CA PHE A 148 -9.78 18.52 11.82
C PHE A 148 -9.79 18.32 10.30
N GLN A 149 -9.69 17.08 9.85
CA GLN A 149 -9.63 16.82 8.40
C GLN A 149 -10.96 17.10 7.69
N TRP A 150 -12.08 16.84 8.37
CA TRP A 150 -13.40 17.11 7.79
C TRP A 150 -13.61 18.60 7.52
N VAL A 151 -13.10 19.42 8.43
CA VAL A 151 -13.15 20.87 8.28
C VAL A 151 -12.32 21.32 7.07
N ARG A 152 -11.10 20.77 6.96
CA ARG A 152 -10.21 21.06 5.83
C ARG A 152 -10.76 20.51 4.52
N HIS A 153 -11.59 19.49 4.60
CA HIS A 153 -12.27 18.92 3.43
C HIS A 153 -13.33 19.90 2.92
N CYS A 154 -14.15 20.39 3.83
CA CYS A 154 -15.16 21.38 3.54
C CYS A 154 -14.55 22.65 2.93
N LEU A 155 -13.46 23.12 3.56
CA LEU A 155 -12.72 24.30 3.08
C LEU A 155 -12.06 24.10 1.71
N LYS A 156 -11.61 22.88 1.42
CA LYS A 156 -10.95 22.56 0.16
C LYS A 156 -11.94 22.65 -1.01
N ASN A 157 -13.08 21.99 -0.85
CA ASN A 157 -14.12 21.97 -1.87
C ASN A 157 -15.01 23.20 -1.84
N GLY A 158 -14.92 23.96 -0.74
CA GLY A 158 -15.69 25.18 -0.56
C GLY A 158 -17.14 24.89 -0.21
N GLU A 159 -17.33 24.15 0.89
CA GLU A 159 -18.67 23.80 1.36
C GLU A 159 -18.83 24.06 2.86
N GLU A 160 -20.06 24.35 3.27
CA GLU A 160 -20.35 24.67 4.68
C GLU A 160 -20.37 23.44 5.58
N ILE A 161 -19.90 23.63 6.81
CA ILE A 161 -19.76 22.56 7.80
C ILE A 161 -21.08 22.29 8.51
N HIS A 162 -21.64 21.11 8.31
CA HIS A 162 -22.91 20.77 8.91
C HIS A 162 -22.78 19.65 9.95
N VAL A 163 -23.24 19.96 11.16
CA VAL A 163 -23.02 19.10 12.32
C VAL A 163 -24.32 18.89 13.10
N VAL A 164 -24.31 17.96 14.05
CA VAL A 164 -25.50 17.69 14.87
C VAL A 164 -25.14 17.57 16.37
N LEU A 165 -26.00 18.11 17.22
CA LEU A 165 -25.86 17.92 18.67
C LEU A 165 -26.35 16.52 19.02
N ASP A 166 -25.42 15.66 19.44
CA ASP A 166 -25.68 14.24 19.60
C ASP A 166 -25.21 13.67 20.94
N THR A 167 -25.65 12.45 21.23
CA THR A 167 -25.21 11.71 22.42
C THR A 167 -23.99 10.85 22.06
N PRO A 168 -22.88 11.05 22.78
CA PRO A 168 -21.67 10.23 22.62
C PRO A 168 -21.99 8.74 22.65
N PRO A 169 -21.36 7.94 21.77
CA PRO A 169 -21.63 6.52 21.72
C PRO A 169 -21.14 5.81 22.96
N ASP A 170 -21.79 4.70 23.31
CA ASP A 170 -21.44 3.93 24.50
C ASP A 170 -20.11 3.21 24.28
N PRO A 171 -19.12 3.45 25.17
CA PRO A 171 -17.87 2.71 25.14
C PRO A 171 -18.06 1.26 25.60
N ALA A 172 -19.25 0.96 26.13
CA ALA A 172 -19.63 -0.42 26.46
C ALA A 172 -19.84 -1.25 25.20
N LEU A 173 -20.01 -0.57 24.06
CA LEU A 173 -20.15 -1.24 22.77
C LEU A 173 -18.78 -1.71 22.25
N ASP A 174 -17.73 -1.05 22.72
CA ASP A 174 -16.34 -1.39 22.39
C ASP A 174 -15.78 -2.50 23.28
N GLU A 175 -16.60 -2.96 24.23
CA GLU A 175 -16.18 -3.94 25.23
C GLU A 175 -15.41 -5.10 24.58
N VAL A 176 -14.29 -5.46 25.20
CA VAL A 176 -13.47 -6.54 24.70
C VAL A 176 -13.67 -7.79 25.55
N ARG A 177 -14.12 -8.86 24.89
CA ARG A 177 -14.29 -10.17 25.50
C ARG A 177 -13.01 -10.66 26.18
N LYS A 178 -13.15 -11.24 27.37
CA LYS A 178 -12.00 -11.71 28.16
C LYS A 178 -11.21 -12.79 27.42
N GLU A 179 -9.93 -12.52 27.18
CA GLU A 179 -9.07 -13.41 26.40
C GLU A 179 -8.56 -14.59 27.21
N THR A 209 22.42 -27.32 26.46
CA THR A 209 22.22 -26.09 25.70
C THR A 209 23.55 -25.43 25.36
N VAL A 210 23.98 -25.61 24.11
CA VAL A 210 25.30 -25.17 23.64
C VAL A 210 25.22 -23.78 23.01
N SER A 211 26.12 -22.89 23.42
CA SER A 211 26.24 -21.58 22.79
C SER A 211 26.63 -21.73 21.33
N LEU A 212 25.98 -20.95 20.47
CA LEU A 212 26.22 -21.01 19.03
C LEU A 212 27.61 -20.50 18.67
N TRP A 213 28.06 -19.46 19.38
CA TRP A 213 29.37 -18.87 19.13
C TRP A 213 30.50 -19.73 19.68
N ASP A 214 30.15 -20.89 20.22
CA ASP A 214 31.12 -21.88 20.70
C ASP A 214 31.21 -23.09 19.77
N CYS A 215 30.76 -22.93 18.53
CA CYS A 215 30.74 -24.04 17.56
C CYS A 215 31.47 -23.70 16.26
N ASP A 216 32.64 -24.31 16.07
CA ASP A 216 33.50 -24.03 14.91
C ASP A 216 33.19 -24.90 13.68
N ARG A 217 32.25 -25.82 13.80
CA ARG A 217 31.85 -26.67 12.67
C ARG A 217 31.34 -25.82 11.51
N LYS A 218 31.75 -26.18 10.29
CA LYS A 218 31.19 -25.63 9.07
C LYS A 218 29.71 -26.03 8.97
N PHE A 219 28.89 -25.16 8.40
CA PHE A 219 27.49 -25.52 8.20
C PHE A 219 27.34 -26.57 7.11
N ARG A 220 26.43 -27.52 7.35
CA ARG A 220 26.15 -28.60 6.40
C ARG A 220 24.66 -28.87 6.33
N VAL A 221 24.16 -29.12 5.13
CA VAL A 221 22.80 -29.62 4.95
C VAL A 221 22.75 -30.78 3.97
N LYS A 222 22.03 -31.84 4.34
CA LYS A 222 21.86 -33.03 3.52
C LYS A 222 20.66 -32.89 2.61
N ILE A 223 20.89 -32.97 1.30
CA ILE A 223 19.82 -33.05 0.32
C ILE A 223 19.50 -34.53 0.06
N ARG A 224 18.41 -35.02 0.62
CA ARG A 224 17.97 -36.39 0.38
C ARG A 224 17.46 -36.54 -1.04
N GLY A 225 16.67 -35.57 -1.47
CA GLY A 225 16.13 -35.60 -2.80
C GLY A 225 14.82 -34.84 -2.92
N ILE A 226 14.25 -34.90 -4.12
CA ILE A 226 13.02 -34.20 -4.43
C ILE A 226 11.96 -35.16 -4.95
N ASP A 227 10.70 -34.78 -4.79
CA ASP A 227 9.58 -35.59 -5.27
C ASP A 227 8.47 -34.70 -5.81
N ILE A 228 7.91 -35.10 -6.94
CA ILE A 228 6.82 -34.39 -7.59
C ILE A 228 5.88 -35.40 -8.24
N PRO A 229 4.58 -35.36 -7.88
CA PRO A 229 3.60 -36.33 -8.39
C PRO A 229 3.50 -36.37 -9.92
N VAL A 230 3.72 -35.23 -10.58
CA VAL A 230 3.63 -35.12 -12.03
C VAL A 230 4.66 -34.14 -12.61
N LEU A 231 5.29 -34.54 -13.73
CA LEU A 231 6.15 -33.63 -14.50
C LEU A 231 5.30 -32.70 -15.37
N ASP A 236 11.64 -34.20 -20.82
CA ASP A 236 12.42 -34.25 -19.58
C ASP A 236 13.91 -34.04 -19.85
N LEU A 237 14.53 -33.22 -18.99
CA LEU A 237 15.95 -32.91 -19.10
C LEU A 237 16.71 -33.21 -17.80
N THR A 238 17.65 -32.34 -17.43
CA THR A 238 18.45 -32.50 -16.21
C THR A 238 18.11 -31.44 -15.17
N VAL A 239 18.28 -31.77 -13.90
CA VAL A 239 17.90 -30.88 -12.78
C VAL A 239 18.87 -30.96 -11.59
N PHE A 240 19.18 -29.81 -11.00
CA PHE A 240 19.98 -29.75 -9.77
C PHE A 240 19.43 -28.79 -8.72
N VAL A 241 19.82 -29.05 -7.47
CA VAL A 241 19.41 -28.29 -6.31
C VAL A 241 20.53 -27.31 -5.91
N GLU A 242 20.21 -26.03 -5.82
CA GLU A 242 21.12 -25.01 -5.31
C GLU A 242 20.71 -24.64 -3.88
N ALA A 243 21.66 -24.61 -2.96
CA ALA A 243 21.38 -24.24 -1.57
C ALA A 243 22.15 -23.00 -1.17
N ASN A 244 21.44 -21.93 -0.80
CA ASN A 244 22.05 -20.64 -0.46
C ASN A 244 21.82 -20.26 0.98
N ILE A 245 22.89 -19.88 1.68
CA ILE A 245 22.72 -19.16 2.94
C ILE A 245 22.46 -17.70 2.60
N GLN A 246 21.25 -17.23 2.86
CA GLN A 246 20.90 -15.85 2.55
C GLN A 246 20.76 -14.99 3.80
N HIS A 247 21.01 -13.69 3.65
CA HIS A 247 20.72 -12.68 4.66
C HIS A 247 20.29 -11.44 3.90
N GLY A 248 19.00 -11.14 3.93
CA GLY A 248 18.40 -10.19 2.98
C GLY A 248 18.44 -10.79 1.57
N GLN A 249 18.93 -10.00 0.62
CA GLN A 249 19.21 -10.48 -0.72
C GLN A 249 20.67 -10.93 -0.84
N GLN A 250 21.45 -10.66 0.20
CA GLN A 250 22.88 -11.00 0.23
C GLN A 250 23.05 -12.50 0.39
N VAL A 251 23.52 -13.15 -0.68
CA VAL A 251 23.93 -14.55 -0.62
C VAL A 251 25.31 -14.63 0.03
N LEU A 252 25.40 -15.34 1.17
CA LEU A 252 26.65 -15.46 1.91
C LEU A 252 27.51 -16.64 1.43
N CYS A 253 26.90 -17.82 1.32
CA CYS A 253 27.59 -19.00 0.83
C CYS A 253 26.66 -19.76 -0.09
N GLN A 254 27.23 -20.36 -1.14
CA GLN A 254 26.44 -21.12 -2.12
C GLN A 254 27.04 -22.49 -2.43
N ARG A 255 26.20 -23.52 -2.39
CA ARG A 255 26.57 -24.87 -2.85
C ARG A 255 25.52 -25.42 -3.81
N ARG A 256 25.96 -26.23 -4.75
CA ARG A 256 25.10 -26.93 -5.71
C ARG A 256 25.27 -28.44 -5.58
N THR A 257 24.24 -29.20 -5.96
CA THR A 257 24.41 -30.63 -6.19
C THR A 257 24.83 -30.88 -7.63
N SER A 258 25.26 -32.11 -7.91
CA SER A 258 25.55 -32.56 -9.26
C SER A 258 24.23 -32.66 -10.02
N PRO A 259 24.26 -32.42 -11.35
CA PRO A 259 23.02 -32.55 -12.11
C PRO A 259 22.60 -34.03 -12.21
N LYS A 260 21.28 -34.25 -12.24
CA LYS A 260 20.70 -35.58 -12.35
C LYS A 260 19.53 -35.52 -13.33
N PRO A 261 19.10 -36.68 -13.88
CA PRO A 261 17.90 -36.72 -14.72
C PRO A 261 16.64 -36.27 -13.98
N PHE A 262 15.75 -35.58 -14.69
CA PHE A 262 14.51 -35.08 -14.10
C PHE A 262 13.39 -36.11 -14.21
N THR A 263 13.35 -37.01 -13.23
CA THR A 263 12.26 -37.96 -13.09
C THR A 263 11.35 -37.46 -11.96
N GLU A 264 10.18 -38.08 -11.84
CA GLU A 264 9.17 -37.64 -10.86
C GLU A 264 9.64 -37.81 -9.40
N GLU A 265 10.83 -38.36 -9.23
CA GLU A 265 11.48 -38.54 -7.93
C GLU A 265 12.97 -38.61 -8.18
N VAL A 266 13.74 -37.71 -7.55
CA VAL A 266 15.20 -37.68 -7.77
C VAL A 266 15.94 -37.65 -6.44
N LEU A 267 16.77 -38.65 -6.20
CA LEU A 267 17.50 -38.78 -4.92
C LEU A 267 19.00 -38.50 -5.08
N TRP A 268 19.57 -37.85 -4.07
CA TRP A 268 20.98 -37.46 -4.06
C TRP A 268 21.70 -38.05 -2.87
N ASN A 269 21.05 -37.95 -1.71
CA ASN A 269 21.65 -38.29 -0.41
C ASN A 269 23.04 -37.70 -0.11
N VAL A 270 23.33 -36.51 -0.63
CA VAL A 270 24.62 -35.84 -0.38
C VAL A 270 24.60 -34.74 0.68
N TRP A 271 25.67 -34.68 1.46
CA TRP A 271 25.97 -33.53 2.31
C TRP A 271 26.50 -32.40 1.45
N LEU A 272 25.96 -31.21 1.64
CA LEU A 272 26.55 -30.00 1.08
C LEU A 272 27.24 -29.27 2.21
N GLU A 273 28.56 -29.23 2.16
CA GLU A 273 29.38 -28.54 3.15
C GLU A 273 29.64 -27.10 2.69
N PHE A 274 29.15 -26.14 3.46
CA PHE A 274 29.40 -24.72 3.21
C PHE A 274 30.72 -24.30 3.84
N SER A 275 31.21 -23.12 3.45
CA SER A 275 32.43 -22.57 4.05
C SER A 275 32.16 -21.71 5.29
N ILE A 276 30.93 -21.20 5.43
CA ILE A 276 30.54 -20.52 6.66
C ILE A 276 30.46 -21.49 7.85
N LYS A 277 31.03 -21.06 8.98
CA LYS A 277 30.93 -21.78 10.25
C LYS A 277 29.58 -21.52 10.92
N ILE A 278 29.17 -22.42 11.80
CA ILE A 278 27.88 -22.25 12.48
C ILE A 278 27.86 -21.00 13.35
N LYS A 279 28.97 -20.72 14.02
CA LYS A 279 29.10 -19.53 14.88
C LYS A 279 28.92 -18.21 14.13
N ASP A 280 29.04 -18.24 12.81
CA ASP A 280 28.95 -17.05 11.99
C ASP A 280 27.56 -16.83 11.40
N LEU A 281 26.64 -17.75 11.68
CA LEU A 281 25.25 -17.60 11.23
C LEU A 281 24.58 -16.48 12.02
N PRO A 282 24.04 -15.48 11.31
CA PRO A 282 23.30 -14.41 11.97
C PRO A 282 21.82 -14.77 12.09
N LYS A 283 21.13 -14.15 13.03
CA LYS A 283 19.69 -14.37 13.18
C LYS A 283 19.00 -13.79 11.96
N GLY A 284 18.08 -14.54 11.39
CA GLY A 284 17.38 -14.13 10.18
C GLY A 284 17.99 -14.68 8.91
N ALA A 285 19.07 -15.43 9.04
CA ALA A 285 19.66 -16.14 7.90
C ALA A 285 18.69 -17.21 7.41
N LEU A 286 18.50 -17.25 6.09
CA LEU A 286 17.64 -18.24 5.47
C LEU A 286 18.48 -19.24 4.71
N LEU A 287 18.22 -20.52 4.95
CA LEU A 287 18.55 -21.53 3.96
C LEU A 287 17.50 -21.42 2.85
N ASN A 288 17.96 -21.03 1.67
CA ASN A 288 17.13 -20.92 0.48
C ASN A 288 17.45 -22.05 -0.48
N LEU A 289 16.46 -22.90 -0.76
CA LEU A 289 16.66 -24.08 -1.62
C LEU A 289 15.94 -23.89 -2.95
N GLN A 290 16.70 -23.99 -4.04
CA GLN A 290 16.20 -23.73 -5.39
C GLN A 290 16.45 -24.92 -6.31
N ILE A 291 15.58 -25.09 -7.30
CA ILE A 291 15.66 -26.20 -8.23
C ILE A 291 15.77 -25.67 -9.65
N TYR A 292 16.87 -26.04 -10.30
CA TYR A 292 17.17 -25.55 -11.63
C TYR A 292 17.15 -26.69 -12.63
N CYS A 293 16.56 -26.44 -13.79
CA CYS A 293 16.65 -27.39 -14.88
C CYS A 293 17.63 -26.87 -15.94
N GLY A 294 18.14 -27.78 -16.76
CA GLY A 294 19.06 -27.44 -17.84
C GLY A 294 18.95 -28.47 -18.95
N LYS A 315 22.72 -22.25 -20.74
CA LYS A 315 21.97 -21.56 -19.69
C LYS A 315 20.99 -22.51 -18.97
N VAL A 316 20.81 -22.28 -17.67
CA VAL A 316 19.87 -23.06 -16.86
C VAL A 316 18.54 -22.31 -16.69
N GLN A 317 17.72 -22.76 -15.73
CA GLN A 317 16.44 -22.13 -15.45
C GLN A 317 15.91 -22.52 -14.06
N LEU A 318 15.43 -21.52 -13.33
CA LEU A 318 14.86 -21.71 -12.00
C LEU A 318 13.38 -22.07 -12.13
N LEU A 319 12.95 -23.09 -11.39
CA LEU A 319 11.57 -23.58 -11.48
C LEU A 319 10.85 -23.67 -10.15
N TYR A 320 11.61 -23.91 -9.07
CA TYR A 320 11.01 -24.05 -7.74
C TYR A 320 11.94 -23.50 -6.67
N TYR A 321 11.35 -22.93 -5.63
CA TYR A 321 12.12 -22.43 -4.50
C TYR A 321 11.33 -22.64 -3.21
N VAL A 322 12.05 -22.93 -2.12
CA VAL A 322 11.47 -22.86 -0.79
C VAL A 322 12.52 -22.25 0.13
N ASN A 323 12.13 -21.84 1.33
CA ASN A 323 13.04 -21.18 2.25
C ASN A 323 12.87 -21.77 3.64
N LEU A 324 13.95 -21.78 4.41
CA LEU A 324 13.88 -22.23 5.79
C LEU A 324 14.80 -21.38 6.65
N LEU A 325 14.27 -20.85 7.75
CA LEU A 325 15.07 -20.11 8.72
C LEU A 325 16.02 -21.03 9.46
N LEU A 326 17.28 -20.62 9.55
CA LEU A 326 18.31 -21.42 10.19
C LEU A 326 18.29 -21.25 11.69
N ILE A 327 18.07 -20.01 12.14
CA ILE A 327 17.93 -19.73 13.57
C ILE A 327 16.48 -19.37 13.88
N ASP A 328 15.73 -20.33 14.41
CA ASP A 328 14.28 -20.16 14.57
C ASP A 328 13.86 -19.11 15.62
N HIS A 329 12.56 -19.06 15.89
CA HIS A 329 11.98 -17.99 16.72
C HIS A 329 12.42 -17.98 18.19
N ARG A 330 13.01 -19.08 18.65
CA ARG A 330 13.55 -19.16 20.01
C ARG A 330 15.07 -18.94 20.12
N PHE A 331 15.70 -18.51 19.02
CA PHE A 331 17.17 -18.41 18.91
C PHE A 331 17.86 -19.79 18.83
N LEU A 332 17.08 -20.83 18.60
CA LEU A 332 17.63 -22.16 18.45
C LEU A 332 18.02 -22.44 17.00
N LEU A 333 19.15 -23.10 16.80
CA LEU A 333 19.53 -23.58 15.48
C LEU A 333 18.57 -24.66 15.04
N ARG A 334 18.22 -24.63 13.76
CA ARG A 334 17.26 -25.58 13.22
C ARG A 334 17.89 -26.95 13.06
N ARG A 335 17.10 -28.00 13.22
CA ARG A 335 17.61 -29.37 13.22
C ARG A 335 16.59 -30.42 12.77
N GLY A 336 17.07 -31.58 12.34
CA GLY A 336 16.20 -32.70 12.01
C GLY A 336 15.70 -32.75 10.57
N GLU A 337 14.75 -33.66 10.35
CA GLU A 337 14.16 -33.93 9.03
C GLU A 337 13.14 -32.87 8.60
N TYR A 338 13.16 -32.55 7.30
CA TYR A 338 12.20 -31.63 6.70
C TYR A 338 11.77 -32.09 5.32
N VAL A 339 10.47 -32.09 5.10
CA VAL A 339 9.89 -32.24 3.77
C VAL A 339 9.16 -30.93 3.51
N LEU A 340 9.68 -30.14 2.58
CA LEU A 340 9.12 -28.81 2.31
C LEU A 340 8.50 -28.77 0.92
N HIS A 341 7.23 -28.42 0.87
CA HIS A 341 6.53 -28.26 -0.40
C HIS A 341 6.80 -26.87 -0.95
N MET A 342 7.13 -26.82 -2.24
CA MET A 342 7.81 -25.68 -2.85
C MET A 342 6.94 -24.85 -3.79
N TRP A 343 7.37 -23.62 -4.00
CA TRP A 343 6.67 -22.68 -4.86
C TRP A 343 7.18 -22.78 -6.29
N GLN A 344 6.28 -22.64 -7.25
CA GLN A 344 6.65 -22.73 -8.65
C GLN A 344 7.00 -21.35 -9.17
N ILE A 345 7.66 -21.30 -10.32
CA ILE A 345 8.01 -20.04 -10.97
C ILE A 345 7.11 -19.86 -12.20
N SER A 346 6.65 -18.62 -12.44
CA SER A 346 5.85 -18.31 -13.63
C SER A 346 6.65 -18.40 -14.93
N SER A 354 12.77 -12.36 -10.20
CA SER A 354 14.00 -11.79 -9.63
C SER A 354 13.70 -11.14 -8.27
N PHE A 355 13.82 -9.82 -8.19
CA PHE A 355 13.42 -9.09 -6.98
C PHE A 355 11.90 -9.15 -6.84
N ASN A 356 11.46 -9.98 -5.90
CA ASN A 356 10.05 -10.17 -5.60
C ASN A 356 9.96 -10.65 -4.16
N ALA A 357 9.02 -10.08 -3.40
CA ALA A 357 8.82 -10.40 -1.99
C ALA A 357 8.41 -11.86 -1.74
N ASP A 358 7.71 -12.46 -2.70
CA ASP A 358 7.30 -13.86 -2.59
C ASP A 358 8.48 -14.82 -2.46
N LYS A 359 9.60 -14.47 -3.11
CA LYS A 359 10.82 -15.28 -3.05
C LYS A 359 11.46 -15.40 -1.68
N LEU A 360 11.12 -14.51 -0.75
CA LEU A 360 11.77 -14.52 0.56
C LEU A 360 10.97 -15.21 1.67
N THR A 361 9.77 -15.70 1.35
CA THR A 361 8.84 -16.17 2.39
C THR A 361 9.30 -17.47 3.03
N SER A 362 8.98 -17.65 4.32
CA SER A 362 9.26 -18.90 5.05
C SER A 362 8.07 -19.84 4.96
N ALA A 363 6.98 -19.37 4.36
CA ALA A 363 5.81 -20.20 4.14
C ALA A 363 6.09 -21.30 3.11
N THR A 364 5.60 -22.51 3.40
CA THR A 364 5.63 -23.62 2.44
C THR A 364 4.34 -23.63 1.64
N ASN A 365 4.41 -24.17 0.42
CA ASN A 365 3.26 -24.29 -0.48
C ASN A 365 2.14 -25.17 0.11
N PRO A 366 0.94 -24.58 0.33
CA PRO A 366 -0.20 -25.32 0.91
C PRO A 366 -0.73 -26.44 0.00
N ASP A 367 -0.48 -26.32 -1.30
CA ASP A 367 -0.93 -27.32 -2.27
C ASP A 367 -0.06 -28.58 -2.16
N LYS A 368 -0.32 -29.36 -1.12
CA LYS A 368 0.38 -30.61 -0.82
C LYS A 368 0.29 -31.65 -1.94
N GLU A 369 -0.81 -31.61 -2.70
CA GLU A 369 -1.09 -32.63 -3.70
C GLU A 369 -0.31 -32.47 -5.01
N ASN A 370 -0.13 -31.22 -5.45
CA ASN A 370 0.45 -30.95 -6.77
C ASN A 370 1.88 -30.40 -6.76
N SER A 371 2.28 -29.83 -5.62
CA SER A 371 3.55 -29.09 -5.53
C SER A 371 4.76 -30.00 -5.34
N MET A 372 5.88 -29.56 -5.90
CA MET A 372 7.19 -30.17 -5.71
C MET A 372 7.63 -30.08 -4.25
N SER A 373 8.20 -31.16 -3.72
CA SER A 373 8.78 -31.13 -2.39
C SER A 373 10.28 -31.48 -2.39
N ILE A 374 10.96 -31.13 -1.30
CA ILE A 374 12.37 -31.41 -1.16
C ILE A 374 12.63 -31.96 0.24
N SER A 375 13.43 -33.00 0.33
CA SER A 375 13.69 -33.63 1.61
C SER A 375 15.12 -33.37 2.06
N ILE A 376 15.25 -32.76 3.23
CA ILE A 376 16.56 -32.37 3.75
C ILE A 376 16.81 -32.86 5.18
N LEU A 377 18.09 -32.89 5.56
CA LEU A 377 18.44 -33.19 6.94
C LEU A 377 19.39 -32.15 7.51
N LEU A 378 18.92 -31.48 8.56
CA LEU A 378 19.77 -30.58 9.34
C LEU A 378 20.19 -31.31 10.60
N ASP A 379 21.50 -31.44 10.78
CA ASP A 379 22.03 -32.08 11.97
C ASP A 379 23.38 -31.52 12.38
N ASN A 380 23.56 -31.38 13.69
CA ASN A 380 24.83 -30.99 14.29
C ASN A 380 25.10 -31.66 15.65
N HIS A 383 22.51 -32.23 19.98
CA HIS A 383 22.57 -31.26 21.07
C HIS A 383 21.99 -29.91 20.65
N PRO A 384 21.15 -29.29 21.51
CA PRO A 384 20.48 -28.04 21.16
C PRO A 384 21.41 -26.83 21.24
N ILE A 385 21.54 -26.12 20.12
CA ILE A 385 22.47 -25.01 20.01
C ILE A 385 21.70 -23.69 19.91
N ALA A 386 21.95 -22.79 20.85
CA ALA A 386 21.22 -21.54 20.95
C ALA A 386 22.14 -20.34 20.79
N LEU A 387 21.73 -19.39 19.96
CA LEU A 387 22.43 -18.12 19.77
C LEU A 387 22.21 -17.25 21.00
N PRO A 388 23.30 -16.62 21.50
CA PRO A 388 23.19 -15.66 22.59
C PRO A 388 22.82 -14.24 22.13
N LYS A 389 22.33 -13.43 23.07
CA LYS A 389 22.19 -11.99 22.87
C LYS A 389 23.40 -11.31 23.53
N HIS A 390 23.79 -10.14 23.03
CA HIS A 390 24.87 -9.38 23.65
C HIS A 390 24.37 -8.31 24.63
N GLN A 391 25.30 -7.74 25.40
CA GLN A 391 24.97 -6.78 26.44
C GLN A 391 25.12 -5.33 25.96
N GLU A 404 40.29 13.35 13.60
CA GLU A 404 40.09 12.07 12.93
C GLU A 404 40.68 12.04 11.50
N MET A 405 39.81 12.07 10.49
CA MET A 405 40.18 11.64 9.13
C MET A 405 40.62 12.74 8.13
N PRO A 406 41.37 12.34 7.07
CA PRO A 406 41.87 13.23 6.01
C PRO A 406 40.77 13.92 5.21
N ASN A 407 41.18 14.86 4.37
CA ASN A 407 40.26 15.67 3.58
C ASN A 407 39.58 14.92 2.43
N GLN A 408 40.35 14.35 1.51
CA GLN A 408 39.80 13.69 0.32
C GLN A 408 38.92 12.50 0.66
N LEU A 409 39.18 11.89 1.82
CA LEU A 409 38.41 10.75 2.28
C LEU A 409 37.05 11.15 2.83
N ARG A 410 37.05 12.22 3.65
CA ARG A 410 35.82 12.80 4.17
C ARG A 410 34.90 13.17 3.00
N LYS A 411 35.50 13.74 1.95
CA LYS A 411 34.78 14.10 0.74
C LYS A 411 34.27 12.87 0.00
N GLN A 412 35.11 11.85 -0.13
CA GLN A 412 34.70 10.61 -0.79
C GLN A 412 33.54 9.97 -0.02
N LEU A 413 33.66 9.94 1.30
CA LEU A 413 32.61 9.41 2.17
C LEU A 413 31.30 10.19 2.02
N GLU A 414 31.40 11.52 1.98
CA GLU A 414 30.24 12.40 1.85
C GLU A 414 29.53 12.27 0.51
N ALA A 415 30.32 12.13 -0.56
CA ALA A 415 29.79 11.80 -1.88
C ALA A 415 29.04 10.46 -1.87
N ILE A 416 29.57 9.47 -1.15
CA ILE A 416 28.91 8.17 -0.99
C ILE A 416 27.59 8.29 -0.25
N ILE A 417 27.60 9.04 0.86
CA ILE A 417 26.39 9.29 1.65
C ILE A 417 25.34 10.08 0.88
N ALA A 418 25.78 10.91 -0.06
CA ALA A 418 24.88 11.76 -0.85
C ALA A 418 24.04 11.00 -1.88
N THR A 419 24.60 9.97 -2.50
CA THR A 419 23.94 9.26 -3.61
C THR A 419 22.57 8.66 -3.25
N ASP A 420 21.74 8.48 -4.26
CA ASP A 420 20.38 7.94 -4.09
C ASP A 420 20.39 6.48 -3.62
N PRO A 421 19.25 5.99 -3.08
CA PRO A 421 19.14 4.63 -2.54
C PRO A 421 19.35 3.50 -3.56
N LEU A 422 19.26 3.81 -4.84
CA LEU A 422 19.46 2.81 -5.89
C LEU A 422 20.83 2.88 -6.54
N ASN A 423 21.72 3.68 -5.96
CA ASN A 423 23.10 3.73 -6.42
C ASN A 423 23.89 2.59 -5.80
N PRO A 424 24.37 1.64 -6.63
CA PRO A 424 25.07 0.47 -6.13
C PRO A 424 26.39 0.84 -5.44
N LEU A 425 26.58 0.29 -4.24
CA LEU A 425 27.82 0.44 -3.50
C LEU A 425 28.85 -0.58 -3.96
N THR A 426 30.03 -0.09 -4.31
CA THR A 426 31.16 -0.94 -4.62
C THR A 426 31.84 -1.41 -3.35
N ALA A 427 32.64 -2.47 -3.44
CA ALA A 427 33.44 -2.96 -2.31
C ALA A 427 34.28 -1.83 -1.70
N GLU A 428 34.89 -1.01 -2.54
CA GLU A 428 35.67 0.14 -2.11
C GLU A 428 34.85 1.08 -1.20
N ASP A 429 33.61 1.35 -1.58
CA ASP A 429 32.69 2.20 -0.80
C ASP A 429 32.29 1.61 0.54
N LYS A 430 31.97 0.31 0.52
CA LYS A 430 31.63 -0.45 1.72
C LYS A 430 32.78 -0.49 2.73
N GLU A 431 33.97 -0.82 2.23
CA GLU A 431 35.18 -0.90 3.07
C GLU A 431 35.47 0.47 3.69
N LEU A 432 35.20 1.52 2.92
CA LEU A 432 35.35 2.90 3.41
C LEU A 432 34.33 3.25 4.48
N LEU A 433 33.05 2.98 4.23
CA LEU A 433 31.97 3.20 5.20
C LEU A 433 32.18 2.47 6.52
N TRP A 434 32.65 1.22 6.44
CA TRP A 434 32.85 0.41 7.63
C TRP A 434 34.05 0.87 8.44
N HIS A 435 35.11 1.27 7.77
CA HIS A 435 36.29 1.74 8.45
C HIS A 435 35.98 3.05 9.19
N PHE A 436 35.25 3.94 8.51
CA PHE A 436 34.82 5.19 9.13
C PHE A 436 33.40 5.09 9.65
N ARG A 437 33.10 3.87 10.07
CA ARG A 437 32.02 3.51 10.98
C ARG A 437 31.51 4.67 11.84
N TYR A 438 32.34 5.16 12.76
CA TYR A 438 31.88 6.14 13.76
C TYR A 438 31.67 7.55 13.25
N GLU A 439 32.39 7.92 12.18
CA GLU A 439 32.11 9.16 11.47
C GLU A 439 30.77 9.05 10.73
N SER A 440 30.53 7.92 10.06
CA SER A 440 29.28 7.66 9.32
C SER A 440 28.04 7.65 10.20
N LEU A 441 28.18 7.18 11.45
CA LEU A 441 27.09 7.19 12.44
C LEU A 441 26.59 8.59 12.81
N LYS A 442 27.40 9.62 12.57
CA LYS A 442 27.00 11.01 12.82
C LYS A 442 26.00 11.53 11.77
N HIS A 443 25.68 10.70 10.78
CA HIS A 443 24.82 11.11 9.69
C HIS A 443 23.68 10.09 9.52
N PRO A 444 22.45 10.44 9.94
CA PRO A 444 21.33 9.51 9.76
C PRO A 444 21.15 9.02 8.33
N LYS A 445 21.40 9.88 7.35
CA LYS A 445 21.30 9.51 5.93
C LYS A 445 22.20 8.35 5.50
N ALA A 446 23.28 8.11 6.24
CA ALA A 446 24.25 7.07 5.94
C ALA A 446 23.85 5.71 6.50
N TYR A 447 22.85 5.67 7.37
CA TYR A 447 22.49 4.40 7.99
C TYR A 447 22.17 3.26 6.99
N PRO A 448 21.32 3.50 5.97
CA PRO A 448 21.08 2.41 5.00
C PRO A 448 22.34 1.87 4.33
N LYS A 449 23.23 2.76 3.89
CA LYS A 449 24.44 2.32 3.19
C LYS A 449 25.45 1.66 4.13
N LEU A 450 25.59 2.24 5.33
CA LEU A 450 26.48 1.71 6.35
C LEU A 450 26.08 0.30 6.77
N PHE A 451 24.78 0.07 6.93
CA PHE A 451 24.30 -1.27 7.29
C PHE A 451 24.28 -2.26 6.14
N SER A 452 24.46 -1.75 4.92
CA SER A 452 24.80 -2.57 3.75
C SER A 452 26.32 -2.77 3.60
N SER A 453 27.12 -2.18 4.49
CA SER A 453 28.56 -2.39 4.45
C SER A 453 28.99 -3.49 5.42
N VAL A 454 28.02 -4.10 6.08
CA VAL A 454 28.30 -5.05 7.13
C VAL A 454 28.42 -6.45 6.54
N LYS A 455 29.51 -7.12 6.90
CA LYS A 455 29.70 -8.51 6.55
C LYS A 455 28.91 -9.33 7.56
N TRP A 456 27.65 -9.63 7.22
CA TRP A 456 26.72 -10.28 8.14
C TRP A 456 27.07 -11.76 8.47
N GLY A 457 27.92 -12.36 7.63
CA GLY A 457 28.33 -13.74 7.83
C GLY A 457 29.61 -13.91 8.64
N GLN A 458 30.01 -12.87 9.35
CA GLN A 458 31.23 -12.88 10.16
C GLN A 458 30.88 -12.41 11.58
N GLN A 459 30.81 -13.34 12.51
CA GLN A 459 30.29 -13.08 13.86
C GLN A 459 30.82 -11.81 14.55
N GLU A 460 32.12 -11.57 14.48
CA GLU A 460 32.71 -10.43 15.20
C GLU A 460 32.30 -9.08 14.61
N ILE A 461 32.14 -9.03 13.29
CA ILE A 461 31.67 -7.83 12.61
C ILE A 461 30.27 -7.48 13.09
N VAL A 462 29.40 -8.48 13.16
CA VAL A 462 28.03 -8.27 13.64
C VAL A 462 28.03 -7.71 15.06
N ALA A 463 28.88 -8.28 15.91
CA ALA A 463 29.08 -7.82 17.28
C ALA A 463 29.47 -6.34 17.37
N LYS A 464 30.36 -5.91 16.48
CA LYS A 464 30.77 -4.51 16.39
C LYS A 464 29.66 -3.62 15.85
N THR A 465 28.80 -4.21 15.02
CA THR A 465 27.63 -3.54 14.45
C THR A 465 26.58 -3.31 15.54
N TYR A 466 26.41 -4.31 16.40
CA TYR A 466 25.50 -4.21 17.53
C TYR A 466 26.06 -3.27 18.61
N GLN A 467 27.39 -3.25 18.74
CA GLN A 467 28.06 -2.24 19.56
C GLN A 467 27.78 -0.84 19.01
N LEU A 468 27.78 -0.73 17.68
CA LEU A 468 27.58 0.54 17.00
C LEU A 468 26.18 1.09 17.23
N LEU A 469 25.17 0.22 17.08
CA LEU A 469 23.77 0.60 17.35
C LEU A 469 23.52 1.05 18.79
N ALA A 470 24.30 0.53 19.72
CA ALA A 470 24.18 0.90 21.14
C ALA A 470 24.58 2.36 21.38
N ARG A 471 25.29 2.95 20.43
CA ARG A 471 25.78 4.33 20.53
C ARG A 471 25.05 5.22 19.52
N ARG A 472 23.73 5.27 19.59
CA ARG A 472 22.96 6.01 18.59
C ARG A 472 22.18 7.19 19.18
N GLU A 473 22.92 8.15 19.73
CA GLU A 473 22.33 9.38 20.23
C GLU A 473 21.74 10.18 19.07
N VAL A 474 22.54 10.34 18.00
CA VAL A 474 22.17 11.20 16.85
C VAL A 474 20.92 10.69 16.12
N TRP A 475 20.88 9.37 15.91
CA TRP A 475 19.71 8.73 15.32
C TRP A 475 18.47 8.96 16.17
N ASP A 476 18.61 8.74 17.48
CA ASP A 476 17.49 8.87 18.43
C ASP A 476 17.01 10.32 18.59
N GLN A 477 17.87 11.26 18.23
CA GLN A 477 17.56 12.68 18.37
C GLN A 477 16.94 13.35 17.13
N SER A 478 17.33 12.89 15.94
CA SER A 478 16.91 13.49 14.67
C SER A 478 15.41 13.40 14.43
N ALA A 479 14.87 14.33 13.64
CA ALA A 479 13.47 14.30 13.25
C ALA A 479 13.21 13.19 12.23
N LEU A 480 11.99 12.65 12.28
CA LEU A 480 11.59 11.54 11.44
C LEU A 480 11.69 11.89 9.95
N ASP A 481 12.39 11.02 9.22
CA ASP A 481 12.33 10.99 7.78
C ASP A 481 11.75 9.64 7.39
N VAL A 482 10.55 9.65 6.83
CA VAL A 482 9.86 8.43 6.43
C VAL A 482 10.66 7.70 5.37
N GLY A 483 11.16 8.44 4.39
CA GLY A 483 12.02 7.90 3.35
C GLY A 483 13.11 7.03 3.93
N LEU A 484 14.02 7.66 4.66
CA LEU A 484 15.10 6.98 5.36
C LEU A 484 14.62 5.79 6.19
N THR A 485 13.55 5.99 6.95
CA THR A 485 12.97 4.92 7.75
C THR A 485 12.45 3.76 6.90
N MET A 486 11.75 4.08 5.81
CA MET A 486 11.25 3.06 4.89
C MET A 486 12.41 2.27 4.33
N GLN A 487 13.50 2.96 3.94
CA GLN A 487 14.65 2.30 3.32
C GLN A 487 15.08 1.14 4.18
N LEU A 488 15.01 1.33 5.50
CA LEU A 488 15.48 0.34 6.47
C LEU A 488 14.50 -0.81 6.70
N LEU A 489 13.31 -0.72 6.11
CA LEU A 489 12.34 -1.79 6.22
C LEU A 489 12.24 -2.67 4.97
N ASP A 490 13.02 -2.36 3.94
CA ASP A 490 12.93 -3.06 2.66
C ASP A 490 13.70 -4.37 2.68
N CYS A 491 13.80 -5.00 1.52
CA CYS A 491 14.36 -6.36 1.42
C CYS A 491 15.86 -6.45 1.65
N ASN A 492 16.53 -5.31 1.68
CA ASN A 492 17.96 -5.26 1.95
C ASN A 492 18.37 -5.42 3.42
N PHE A 493 17.39 -5.43 4.34
CA PHE A 493 17.70 -5.51 5.76
C PHE A 493 16.89 -6.61 6.43
N SER A 494 17.57 -7.53 7.10
CA SER A 494 16.93 -8.69 7.74
C SER A 494 17.32 -8.76 9.22
N ASP A 495 18.13 -7.80 9.65
CA ASP A 495 18.55 -7.77 11.01
C ASP A 495 17.49 -7.08 11.85
N GLU A 496 16.95 -7.80 12.83
CA GLU A 496 15.90 -7.27 13.68
C GLU A 496 16.29 -5.97 14.37
N ASN A 497 17.53 -5.88 14.83
CA ASN A 497 17.98 -4.68 15.52
C ASN A 497 18.06 -3.48 14.59
N VAL A 498 18.62 -3.67 13.39
CA VAL A 498 18.62 -2.64 12.36
C VAL A 498 17.18 -2.21 12.04
N ARG A 499 16.31 -3.18 11.81
CA ARG A 499 14.93 -2.89 11.45
C ARG A 499 14.14 -2.22 12.59
N ALA A 500 14.50 -2.54 13.82
CA ALA A 500 13.82 -2.03 15.01
C ALA A 500 14.08 -0.55 15.21
N ILE A 501 15.23 -0.06 14.77
CA ILE A 501 15.54 1.35 14.92
C ILE A 501 14.79 2.17 13.87
N ALA A 502 14.30 1.48 12.83
CA ALA A 502 13.37 2.09 11.87
C ALA A 502 11.98 2.19 12.48
N VAL A 503 11.53 1.10 13.09
CA VAL A 503 10.23 1.07 13.76
C VAL A 503 10.16 2.07 14.89
N GLN A 504 11.27 2.23 15.61
CA GLN A 504 11.38 3.20 16.70
C GLN A 504 11.01 4.61 16.22
N LYS A 505 11.43 4.96 15.01
CA LYS A 505 11.15 6.27 14.45
C LYS A 505 9.67 6.43 14.08
N LEU A 506 9.08 5.37 13.55
CA LEU A 506 7.67 5.35 13.19
C LEU A 506 6.77 5.57 14.40
N GLU A 507 7.26 5.18 15.58
CA GLU A 507 6.51 5.30 16.81
C GLU A 507 6.11 6.74 17.08
N SER A 508 6.88 7.69 16.55
CA SER A 508 6.62 9.12 16.76
C SER A 508 5.69 9.71 15.71
N LEU A 509 5.27 8.87 14.76
CA LEU A 509 4.31 9.25 13.73
C LEU A 509 2.93 9.55 14.31
N GLU A 510 2.36 10.70 13.95
CA GLU A 510 0.95 11.00 14.25
C GLU A 510 0.02 10.18 13.35
N ASP A 511 -1.15 9.83 13.89
CA ASP A 511 -2.13 8.98 13.24
C ASP A 511 -2.54 9.39 11.82
N ASP A 512 -2.60 10.70 11.57
CA ASP A 512 -2.83 11.20 10.23
C ASP A 512 -1.81 10.61 9.23
N ASP A 513 -0.56 10.47 9.65
CA ASP A 513 0.52 9.99 8.77
C ASP A 513 0.68 8.49 8.72
N VAL A 514 0.24 7.79 9.75
CA VAL A 514 0.24 6.34 9.72
C VAL A 514 -0.67 5.94 8.57
N LEU A 515 -1.88 6.51 8.54
CA LEU A 515 -2.83 6.34 7.44
C LEU A 515 -2.25 6.59 6.05
N HIS A 516 -1.33 7.53 5.93
CA HIS A 516 -0.66 7.81 4.65
C HIS A 516 0.31 6.71 4.21
N TYR A 517 0.87 5.99 5.16
CA TYR A 517 1.88 5.01 4.85
C TYR A 517 1.46 3.60 5.22
N LEU A 518 0.21 3.43 5.64
CA LEU A 518 -0.24 2.17 6.22
C LEU A 518 -0.12 1.03 5.24
N LEU A 519 -0.56 1.27 4.01
CA LEU A 519 -0.50 0.27 2.96
C LEU A 519 0.93 -0.19 2.70
N GLN A 520 1.89 0.72 2.61
CA GLN A 520 3.26 0.29 2.31
C GLN A 520 3.89 -0.37 3.54
N LEU A 521 3.55 0.13 4.73
CA LEU A 521 3.98 -0.49 5.99
C LEU A 521 3.48 -1.93 6.14
N VAL A 522 2.19 -2.15 5.86
CA VAL A 522 1.63 -3.49 5.85
C VAL A 522 2.34 -4.36 4.80
N GLN A 523 2.64 -3.79 3.62
CA GLN A 523 3.37 -4.55 2.61
C GLN A 523 4.78 -4.91 3.10
N ALA A 524 5.36 -4.05 3.93
CA ALA A 524 6.73 -4.24 4.39
C ALA A 524 6.84 -5.36 5.43
N VAL A 525 5.70 -5.83 5.92
CA VAL A 525 5.68 -6.98 6.82
C VAL A 525 6.22 -8.19 6.07
N LYS A 526 6.02 -8.21 4.76
CA LYS A 526 6.54 -9.24 3.86
C LYS A 526 8.08 -9.29 3.79
N PHE A 527 8.76 -8.34 4.41
CA PHE A 527 10.24 -8.33 4.35
C PHE A 527 10.82 -8.76 5.67
N GLU A 528 9.95 -9.00 6.63
CA GLU A 528 10.33 -9.45 7.95
C GLU A 528 10.72 -10.93 7.90
N PRO A 529 11.94 -11.25 8.35
CA PRO A 529 12.38 -12.62 8.55
C PRO A 529 11.42 -13.45 9.40
N TYR A 530 10.90 -12.87 10.49
CA TYR A 530 10.09 -13.59 11.48
C TYR A 530 8.67 -13.09 11.51
N HIS A 531 7.74 -13.96 11.87
CA HIS A 531 6.30 -13.61 11.94
C HIS A 531 6.04 -12.57 13.01
N ASP A 532 6.84 -12.62 14.07
CA ASP A 532 6.74 -11.67 15.15
C ASP A 532 7.87 -10.66 15.00
N SER A 533 7.51 -9.45 14.62
CA SER A 533 8.48 -8.39 14.46
C SER A 533 7.99 -7.13 15.13
N ALA A 534 8.91 -6.23 15.43
CA ALA A 534 8.56 -4.92 15.95
C ALA A 534 7.55 -4.20 15.04
N LEU A 535 7.63 -4.42 13.72
CA LEU A 535 6.74 -3.72 12.78
C LEU A 535 5.31 -4.26 12.84
N ALA A 536 5.18 -5.58 12.89
CA ALA A 536 3.89 -6.24 13.13
C ALA A 536 3.23 -5.71 14.39
N ARG A 537 4.01 -5.55 15.46
CA ARG A 537 3.49 -5.04 16.73
C ARG A 537 3.11 -3.58 16.66
N PHE A 538 3.90 -2.78 15.95
CA PHE A 538 3.59 -1.39 15.70
C PHE A 538 2.24 -1.26 15.03
N LEU A 539 2.05 -1.96 13.91
CA LEU A 539 0.79 -1.92 13.18
C LEU A 539 -0.35 -2.37 14.07
N LEU A 540 -0.08 -3.36 14.92
CA LEU A 540 -1.08 -3.88 15.83
C LEU A 540 -1.54 -2.80 16.79
N LYS A 541 -0.60 -2.14 17.47
CA LYS A 541 -1.03 -1.18 18.50
C LYS A 541 -1.56 0.17 17.96
N ARG A 542 -1.05 0.60 16.80
CA ARG A 542 -1.57 1.80 16.16
C ARG A 542 -3.00 1.58 15.66
N GLY A 543 -3.27 0.37 15.16
CA GLY A 543 -4.61 0.00 14.73
C GLY A 543 -5.61 -0.08 15.87
N LEU A 544 -5.18 -0.59 17.02
CA LEU A 544 -6.04 -0.70 18.19
C LEU A 544 -6.24 0.64 18.88
N ARG A 545 -5.27 1.54 18.73
CA ARG A 545 -5.40 2.89 19.30
C ARG A 545 -6.39 3.77 18.50
N ASN A 546 -6.81 3.31 17.32
CA ASN A 546 -7.56 4.17 16.39
C ASN A 546 -8.47 3.41 15.39
N LYS A 547 -9.77 3.60 15.52
CA LYS A 547 -10.77 2.87 14.71
C LYS A 547 -10.63 3.05 13.20
N ARG A 548 -10.07 4.19 12.77
CA ARG A 548 -9.83 4.42 11.35
C ARG A 548 -8.58 3.70 10.82
N ILE A 549 -7.49 3.71 11.57
CA ILE A 549 -6.35 2.87 11.20
C ILE A 549 -6.77 1.39 11.22
N GLY A 550 -7.45 0.98 12.29
CA GLY A 550 -7.91 -0.39 12.46
C GLY A 550 -8.86 -0.88 11.37
N HIS A 551 -9.74 0.00 10.90
CA HIS A 551 -10.60 -0.33 9.76
C HIS A 551 -9.78 -0.64 8.51
N PHE A 552 -8.91 0.28 8.11
CA PHE A 552 -8.08 0.05 6.91
C PHE A 552 -7.07 -1.08 7.11
N LEU A 553 -6.54 -1.22 8.32
CA LEU A 553 -5.69 -2.35 8.65
C LEU A 553 -6.40 -3.65 8.30
N PHE A 554 -7.63 -3.83 8.80
CA PHE A 554 -8.42 -5.02 8.53
C PHE A 554 -8.45 -5.36 7.04
N TRP A 555 -8.94 -4.43 6.20
CA TRP A 555 -9.05 -4.68 4.76
C TRP A 555 -7.70 -4.91 4.07
N PHE A 556 -6.70 -4.13 4.44
CA PHE A 556 -5.37 -4.30 3.85
C PHE A 556 -4.86 -5.70 4.15
N LEU A 557 -4.92 -6.11 5.42
CA LEU A 557 -4.53 -7.47 5.79
C LEU A 557 -5.38 -8.53 5.08
N ARG A 558 -6.70 -8.33 5.08
CA ARG A 558 -7.64 -9.28 4.48
C ARG A 558 -7.45 -9.42 2.98
N SER A 559 -7.12 -8.29 2.36
CA SER A 559 -6.79 -8.27 0.95
C SER A 559 -5.65 -9.23 0.57
N GLU A 560 -4.64 -9.34 1.45
CA GLU A 560 -3.47 -10.17 1.20
C GLU A 560 -3.66 -11.63 1.62
N ILE A 561 -4.57 -11.85 2.57
CA ILE A 561 -4.89 -13.20 3.03
C ILE A 561 -5.67 -13.94 1.95
N ALA A 562 -6.55 -13.21 1.27
CA ALA A 562 -7.42 -13.77 0.24
C ALA A 562 -6.69 -14.08 -1.06
N GLN A 563 -5.62 -13.34 -1.38
CA GLN A 563 -4.97 -13.53 -2.69
C GLN A 563 -3.47 -13.79 -2.72
N SER A 564 -2.88 -14.04 -1.55
CA SER A 564 -1.47 -14.37 -1.46
C SER A 564 -1.27 -15.58 -0.57
N ARG A 565 -0.93 -16.72 -1.16
CA ARG A 565 -0.57 -17.91 -0.39
C ARG A 565 0.77 -17.71 0.33
N HIS A 566 1.68 -16.97 -0.29
CA HIS A 566 3.03 -16.75 0.24
C HIS A 566 3.09 -16.10 1.62
N TYR A 567 2.09 -15.28 1.96
CA TYR A 567 2.07 -14.60 3.25
C TYR A 567 0.74 -14.66 4.04
N GLN A 568 -0.26 -15.36 3.51
CA GLN A 568 -1.56 -15.43 4.17
C GLN A 568 -1.56 -15.86 5.64
N GLN A 569 -0.68 -16.80 6.01
CA GLN A 569 -0.63 -17.30 7.38
C GLN A 569 -0.19 -16.21 8.33
N ARG A 570 0.87 -15.50 7.97
CA ARG A 570 1.43 -14.43 8.79
C ARG A 570 0.42 -13.31 8.96
N PHE A 571 -0.14 -12.84 7.85
CA PHE A 571 -1.11 -11.76 7.90
C PHE A 571 -2.39 -12.15 8.65
N ALA A 572 -2.72 -13.44 8.64
CA ALA A 572 -3.91 -13.96 9.34
C ALA A 572 -3.72 -13.91 10.85
N VAL A 573 -2.55 -14.34 11.33
CA VAL A 573 -2.19 -14.28 12.74
C VAL A 573 -2.30 -12.83 13.23
N ILE A 574 -1.70 -11.90 12.48
CA ILE A 574 -1.70 -10.48 12.83
C ILE A 574 -3.11 -9.93 12.81
N LEU A 575 -3.91 -10.35 11.83
CA LEU A 575 -5.30 -9.90 11.73
C LEU A 575 -6.12 -10.43 12.89
N GLU A 576 -5.89 -11.68 13.29
CA GLU A 576 -6.57 -12.24 14.44
C GLU A 576 -6.22 -11.47 15.69
N ALA A 577 -4.94 -11.18 15.88
CA ALA A 577 -4.50 -10.42 17.04
C ALA A 577 -5.22 -9.07 17.07
N TYR A 578 -5.37 -8.44 15.90
CA TYR A 578 -6.11 -7.18 15.83
C TYR A 578 -7.57 -7.32 16.25
N LEU A 579 -8.26 -8.34 15.72
CA LEU A 579 -9.71 -8.43 15.85
C LEU A 579 -10.12 -8.74 17.29
N ARG A 580 -9.20 -9.36 18.03
CA ARG A 580 -9.39 -9.68 19.42
C ARG A 580 -9.26 -8.45 20.32
N GLY A 581 -8.89 -7.31 19.73
CA GLY A 581 -8.75 -6.09 20.50
C GLY A 581 -9.60 -4.92 20.03
N CYS A 582 -10.17 -5.06 18.83
CA CYS A 582 -10.86 -3.94 18.18
C CYS A 582 -12.19 -3.60 18.84
N GLY A 583 -12.84 -4.61 19.43
CA GLY A 583 -14.04 -4.41 20.24
C GLY A 583 -15.33 -4.71 19.49
N THR A 584 -16.25 -5.40 20.18
CA THR A 584 -17.51 -5.93 19.62
C THR A 584 -18.24 -5.04 18.60
N ALA A 585 -18.19 -3.72 18.80
CA ALA A 585 -18.87 -2.78 17.90
C ALA A 585 -18.22 -2.76 16.51
N MET A 586 -16.92 -3.05 16.48
CA MET A 586 -16.21 -3.11 15.22
C MET A 586 -16.29 -4.49 14.58
N LEU A 587 -16.40 -5.51 15.42
CA LEU A 587 -16.54 -6.89 14.94
C LEU A 587 -17.86 -7.06 14.20
N HIS A 588 -18.87 -6.32 14.65
CA HIS A 588 -20.19 -6.33 14.05
C HIS A 588 -20.20 -5.59 12.71
N ASP A 589 -19.51 -4.45 12.65
CA ASP A 589 -19.36 -3.73 11.40
C ASP A 589 -18.68 -4.63 10.38
N PHE A 590 -17.50 -5.13 10.74
CA PHE A 590 -16.74 -6.02 9.87
C PHE A 590 -17.59 -7.18 9.38
N THR A 591 -18.33 -7.79 10.30
CA THR A 591 -19.23 -8.89 9.99
C THR A 591 -20.23 -8.46 8.92
N GLN A 592 -20.86 -7.31 9.10
CA GLN A 592 -21.83 -6.80 8.13
C GLN A 592 -21.23 -6.52 6.76
N GLN A 593 -20.05 -5.92 6.73
CA GLN A 593 -19.34 -5.61 5.50
C GLN A 593 -18.96 -6.88 4.75
N VAL A 594 -18.51 -7.89 5.50
CA VAL A 594 -18.10 -9.15 4.91
C VAL A 594 -19.31 -9.80 4.24
N GLN A 595 -20.45 -9.78 4.95
CA GLN A 595 -21.69 -10.40 4.47
C GLN A 595 -22.14 -9.79 3.15
N VAL A 596 -22.15 -8.46 3.09
CA VAL A 596 -22.56 -7.72 1.89
C VAL A 596 -21.69 -8.05 0.67
N ILE A 597 -20.37 -8.05 0.83
CA ILE A 597 -19.50 -8.31 -0.32
C ILE A 597 -19.52 -9.79 -0.73
N GLU A 598 -19.76 -10.67 0.24
CA GLU A 598 -19.92 -12.10 -0.04
C GLU A 598 -21.21 -12.31 -0.83
N MET A 599 -22.26 -11.62 -0.43
CA MET A 599 -23.54 -11.67 -1.13
C MET A 599 -23.42 -11.13 -2.54
N LEU A 600 -22.88 -9.93 -2.68
CA LEU A 600 -22.72 -9.30 -3.99
C LEU A 600 -21.83 -10.11 -4.93
N GLN A 601 -20.80 -10.76 -4.38
CA GLN A 601 -19.92 -11.65 -5.13
C GLN A 601 -20.70 -12.70 -5.91
N LYS A 602 -21.60 -13.38 -5.22
CA LYS A 602 -22.45 -14.41 -5.83
C LYS A 602 -23.18 -13.86 -7.04
N VAL A 603 -23.71 -12.65 -6.89
CA VAL A 603 -24.48 -11.97 -7.94
C VAL A 603 -23.59 -11.61 -9.13
N THR A 604 -22.32 -11.32 -8.87
CA THR A 604 -21.35 -11.01 -9.92
C THR A 604 -21.01 -12.24 -10.73
N LEU A 605 -20.87 -13.37 -10.03
CA LEU A 605 -20.48 -14.66 -10.62
C LEU A 605 -21.46 -15.11 -11.69
N ASP A 606 -22.71 -15.34 -11.27
CA ASP A 606 -23.75 -15.90 -12.13
C ASP A 606 -24.11 -15.00 -13.30
N ILE A 607 -23.97 -13.69 -13.09
CA ILE A 607 -24.30 -12.68 -14.10
C ILE A 607 -23.24 -12.60 -15.20
N LYS A 608 -21.96 -12.64 -14.81
CA LYS A 608 -20.85 -12.59 -15.78
C LYS A 608 -20.92 -13.73 -16.81
N SER A 609 -21.55 -14.83 -16.41
CA SER A 609 -21.68 -16.02 -17.26
C SER A 609 -22.86 -15.95 -18.23
N LEU A 610 -23.86 -15.13 -17.92
CA LEU A 610 -25.06 -15.01 -18.74
C LEU A 610 -24.87 -14.05 -19.93
N SER A 611 -23.67 -13.51 -20.07
CA SER A 611 -23.32 -12.56 -21.13
C SER A 611 -22.27 -13.12 -22.09
N ALA A 612 -22.38 -12.75 -23.37
CA ALA A 612 -21.42 -13.15 -24.40
C ALA A 612 -20.27 -12.15 -24.51
N GLU A 613 -19.15 -12.59 -25.09
CA GLU A 613 -17.98 -11.73 -25.25
C GLU A 613 -17.93 -11.10 -26.63
N ASP A 616 -21.03 -6.83 -25.78
CA ASP A 616 -21.89 -5.75 -25.31
C ASP A 616 -22.59 -6.11 -23.98
N VAL A 617 -23.85 -5.75 -23.86
CA VAL A 617 -24.67 -6.02 -22.67
C VAL A 617 -26.08 -6.39 -23.10
N SER A 618 -26.55 -7.54 -22.64
CA SER A 618 -27.91 -7.99 -22.94
C SER A 618 -28.97 -7.17 -22.18
N SER A 619 -30.18 -7.16 -22.71
CA SER A 619 -31.29 -6.44 -22.12
C SER A 619 -31.97 -7.25 -21.01
N GLN A 620 -32.13 -8.55 -21.26
CA GLN A 620 -32.69 -9.49 -20.28
C GLN A 620 -31.82 -9.48 -19.03
N VAL A 621 -30.50 -9.44 -19.24
CA VAL A 621 -29.51 -9.48 -18.17
C VAL A 621 -29.65 -8.35 -17.15
N ILE A 622 -29.99 -7.15 -17.62
CA ILE A 622 -30.22 -6.00 -16.72
C ILE A 622 -31.37 -6.30 -15.76
N SER A 623 -32.44 -6.88 -16.30
CA SER A 623 -33.59 -7.32 -15.50
C SER A 623 -33.23 -8.52 -14.62
N GLN A 624 -32.38 -9.40 -15.15
CA GLN A 624 -31.89 -10.56 -14.41
C GLN A 624 -31.08 -10.14 -13.18
N LEU A 625 -30.27 -9.08 -13.31
CA LEU A 625 -29.52 -8.52 -12.19
C LEU A 625 -30.44 -7.92 -11.14
N LYS A 626 -31.35 -7.05 -11.59
CA LYS A 626 -32.31 -6.37 -10.72
C LYS A 626 -33.23 -7.35 -10.00
N GLN A 627 -33.49 -8.48 -10.67
CA GLN A 627 -34.26 -9.58 -10.09
C GLN A 627 -33.57 -10.13 -8.84
N LYS A 628 -32.27 -10.42 -8.96
CA LYS A 628 -31.51 -11.01 -7.85
C LYS A 628 -31.20 -10.01 -6.73
N LEU A 629 -31.14 -8.73 -7.08
CA LEU A 629 -30.89 -7.68 -6.09
C LEU A 629 -32.10 -7.41 -5.21
N GLU A 630 -33.29 -7.56 -5.78
CA GLU A 630 -34.53 -7.51 -5.00
C GLU A 630 -34.63 -8.72 -4.10
N ASN A 631 -34.24 -9.88 -4.62
CA ASN A 631 -34.16 -11.13 -3.86
C ASN A 631 -33.32 -11.00 -2.59
N LEU A 632 -32.24 -10.21 -2.66
CA LEU A 632 -31.36 -9.97 -1.52
C LEU A 632 -31.95 -9.05 -0.46
N GLN A 633 -32.52 -7.93 -0.91
CA GLN A 633 -33.05 -6.87 -0.03
C GLN A 633 -33.93 -7.39 1.12
N ASN A 634 -34.60 -8.52 0.91
CA ASN A 634 -35.33 -9.20 2.00
C ASN A 634 -34.58 -10.42 2.60
N SER A 635 -34.03 -11.25 1.71
CA SER A 635 -33.27 -12.46 2.06
C SER A 635 -32.59 -12.47 3.44
N GLN A 636 -31.42 -11.84 3.52
CA GLN A 636 -30.58 -11.85 4.73
C GLN A 636 -29.61 -10.66 4.72
N LEU A 637 -29.78 -9.77 3.74
CA LEU A 637 -28.94 -8.59 3.60
C LEU A 637 -29.12 -7.64 4.79
N PRO A 638 -28.02 -7.32 5.51
CA PRO A 638 -28.08 -6.36 6.60
C PRO A 638 -28.34 -4.98 6.03
N GLU A 639 -29.43 -4.35 6.45
CA GLU A 639 -29.87 -3.12 5.79
C GLU A 639 -29.08 -1.86 6.16
N SER A 640 -27.87 -2.04 6.70
CA SER A 640 -26.88 -0.95 6.85
C SER A 640 -25.47 -1.47 7.09
N PHE A 641 -24.53 -1.06 6.24
CA PHE A 641 -23.13 -1.44 6.35
C PHE A 641 -22.20 -0.27 6.03
N ARG A 642 -21.03 -0.26 6.67
CA ARG A 642 -20.01 0.76 6.40
C ARG A 642 -19.36 0.55 5.04
N VAL A 643 -19.11 1.66 4.35
CA VAL A 643 -18.44 1.65 3.06
C VAL A 643 -16.96 1.35 3.28
N PRO A 644 -16.48 0.18 2.78
CA PRO A 644 -15.07 -0.21 2.98
C PRO A 644 -14.01 0.86 2.73
N TYR A 645 -14.19 1.68 1.69
CA TYR A 645 -13.17 2.67 1.31
C TYR A 645 -13.42 4.06 1.93
N ASP A 646 -14.56 4.19 2.63
CA ASP A 646 -14.98 5.44 3.27
C ASP A 646 -15.81 5.06 4.51
N PRO A 647 -15.13 4.67 5.59
CA PRO A 647 -15.79 4.14 6.81
C PRO A 647 -16.71 5.13 7.53
N GLY A 648 -16.66 6.39 7.12
CA GLY A 648 -17.59 7.38 7.65
C GLY A 648 -19.02 7.11 7.18
N LEU A 649 -19.16 6.76 5.91
CA LEU A 649 -20.46 6.52 5.29
C LEU A 649 -21.03 5.15 5.66
N LYS A 650 -22.29 5.15 6.09
CA LYS A 650 -23.05 3.91 6.17
C LYS A 650 -24.02 3.83 5.00
N ALA A 651 -24.00 2.71 4.28
CA ALA A 651 -24.96 2.45 3.22
C ALA A 651 -26.14 1.64 3.74
N GLY A 652 -27.31 1.87 3.16
CA GLY A 652 -28.51 1.17 3.55
C GLY A 652 -29.07 0.29 2.45
N ALA A 653 -30.27 0.63 1.99
CA ALA A 653 -30.97 -0.12 0.95
C ALA A 653 -30.38 0.15 -0.42
N LEU A 654 -30.45 -0.85 -1.29
CA LEU A 654 -30.04 -0.69 -2.68
C LEU A 654 -31.04 0.18 -3.43
N ALA A 655 -30.56 1.02 -4.33
CA ALA A 655 -31.42 1.75 -5.26
C ALA A 655 -31.53 0.95 -6.56
N ILE A 656 -32.32 -0.13 -6.51
CA ILE A 656 -32.37 -1.14 -7.56
C ILE A 656 -32.52 -0.59 -8.99
N GLU A 657 -33.41 0.38 -9.17
CA GLU A 657 -33.68 0.99 -10.48
C GLU A 657 -32.40 1.52 -11.15
N LYS A 658 -31.50 2.07 -10.34
CA LYS A 658 -30.26 2.70 -10.83
C LYS A 658 -29.09 1.71 -10.98
N CYS A 659 -29.29 0.47 -10.54
CA CYS A 659 -28.26 -0.56 -10.58
C CYS A 659 -28.16 -1.20 -11.96
N LYS A 660 -26.94 -1.34 -12.45
CA LYS A 660 -26.73 -1.92 -13.78
C LYS A 660 -25.41 -2.69 -13.92
N VAL A 661 -25.32 -3.51 -14.95
CA VAL A 661 -24.06 -4.14 -15.34
C VAL A 661 -23.41 -3.22 -16.36
N MET A 662 -22.10 -2.95 -16.18
CA MET A 662 -21.37 -2.04 -17.08
C MET A 662 -21.03 -2.67 -18.43
N ALA A 663 -20.84 -1.81 -19.42
CA ALA A 663 -20.49 -2.22 -20.79
C ALA A 663 -19.04 -2.70 -20.91
N SER A 664 -18.31 -2.73 -19.80
CA SER A 664 -16.96 -3.29 -19.77
C SER A 664 -16.99 -4.80 -19.87
N LYS A 665 -16.01 -5.36 -20.57
CA LYS A 665 -15.96 -6.81 -20.82
C LYS A 665 -15.47 -7.63 -19.63
N LYS A 666 -15.41 -6.99 -18.46
CA LYS A 666 -15.21 -7.68 -17.19
C LYS A 666 -16.51 -7.62 -16.38
N LYS A 667 -17.52 -7.01 -17.03
CA LYS A 667 -18.91 -6.89 -16.54
C LYS A 667 -19.03 -6.53 -15.06
N PRO A 668 -18.39 -5.43 -14.63
CA PRO A 668 -18.53 -5.05 -13.24
C PRO A 668 -19.94 -4.52 -12.93
N LEU A 669 -20.35 -4.65 -11.67
CA LEU A 669 -21.63 -4.13 -11.21
C LEU A 669 -21.55 -2.65 -10.86
N TRP A 670 -22.48 -1.88 -11.41
CA TRP A 670 -22.67 -0.49 -11.02
C TRP A 670 -23.81 -0.47 -10.01
N LEU A 671 -23.49 -0.20 -8.75
CA LEU A 671 -24.47 -0.28 -7.67
C LEU A 671 -24.66 1.05 -6.99
N GLU A 672 -25.90 1.34 -6.62
CA GLU A 672 -26.19 2.54 -5.86
C GLU A 672 -26.93 2.21 -4.58
N PHE A 673 -26.57 2.92 -3.51
CA PHE A 673 -27.12 2.66 -2.19
C PHE A 673 -27.66 3.95 -1.60
N LYS A 674 -28.69 3.83 -0.78
CA LYS A 674 -29.14 4.95 0.04
C LYS A 674 -28.27 5.04 1.29
N CYS A 675 -28.07 6.25 1.79
CA CYS A 675 -27.39 6.45 3.06
C CYS A 675 -28.35 6.12 4.20
N ALA A 676 -27.93 5.22 5.08
CA ALA A 676 -28.77 4.78 6.20
C ALA A 676 -29.02 5.87 7.23
N ASP A 677 -28.20 6.92 7.21
CA ASP A 677 -28.28 7.99 8.19
C ASP A 677 -29.40 9.00 7.85
N PRO A 678 -30.43 9.08 8.71
CA PRO A 678 -31.55 9.99 8.45
C PRO A 678 -31.11 11.46 8.53
N THR A 679 -30.02 11.70 9.24
CA THR A 679 -29.50 13.04 9.47
C THR A 679 -28.75 13.60 8.27
N ALA A 680 -28.57 12.77 7.24
CA ALA A 680 -27.92 13.19 6.01
C ALA A 680 -28.73 14.30 5.35
N LEU A 681 -28.06 15.38 5.00
CA LEU A 681 -28.74 16.50 4.33
C LEU A 681 -28.54 16.48 2.81
N SER A 682 -28.44 15.28 2.27
CA SER A 682 -28.46 15.08 0.83
C SER A 682 -29.60 14.15 0.40
N ASN A 683 -29.32 13.37 -0.65
CA ASN A 683 -30.28 12.49 -1.30
C ASN A 683 -29.48 11.65 -2.28
N GLU A 684 -28.31 12.18 -2.64
CA GLU A 684 -27.34 11.51 -3.50
C GLU A 684 -27.07 10.12 -2.97
N THR A 685 -27.16 9.15 -3.88
CA THR A 685 -26.90 7.77 -3.57
C THR A 685 -25.40 7.54 -3.43
N ILE A 686 -25.03 6.49 -2.70
CA ILE A 686 -23.64 6.08 -2.59
C ILE A 686 -23.37 5.09 -3.72
N GLY A 687 -22.46 5.47 -4.60
CA GLY A 687 -22.19 4.70 -5.81
C GLY A 687 -20.93 3.88 -5.69
N ILE A 688 -21.07 2.57 -5.87
CA ILE A 688 -19.96 1.63 -5.74
C ILE A 688 -19.85 0.73 -6.97
N ILE A 689 -18.65 0.62 -7.53
CA ILE A 689 -18.39 -0.33 -8.61
C ILE A 689 -17.90 -1.63 -8.00
N PHE A 690 -18.64 -2.71 -8.24
CA PHE A 690 -18.25 -4.01 -7.74
C PHE A 690 -17.66 -4.85 -8.87
N LYS A 691 -16.37 -5.15 -8.75
CA LYS A 691 -15.63 -5.76 -9.85
C LYS A 691 -15.03 -7.12 -9.50
N HIS A 692 -15.18 -8.06 -10.44
CA HIS A 692 -14.36 -9.28 -10.47
C HIS A 692 -13.59 -9.37 -11.77
N GLY A 693 -12.49 -10.12 -11.73
CA GLY A 693 -11.68 -10.38 -12.92
C GLY A 693 -10.29 -9.87 -12.70
N ASP A 694 -10.19 -8.76 -11.97
CA ASP A 694 -8.91 -8.11 -11.69
C ASP A 694 -8.54 -8.21 -10.21
N ASP A 695 -7.23 -8.16 -9.96
CA ASP A 695 -6.68 -8.06 -8.61
C ASP A 695 -6.38 -6.58 -8.36
N LEU A 696 -7.18 -5.98 -7.47
CA LEU A 696 -7.18 -4.52 -7.27
C LEU A 696 -5.99 -3.95 -6.47
N ARG A 697 -5.07 -4.81 -6.08
CA ARG A 697 -3.98 -4.42 -5.21
C ARG A 697 -2.98 -3.48 -5.86
N GLN A 698 -2.68 -3.71 -7.13
CA GLN A 698 -1.85 -2.77 -7.87
C GLN A 698 -2.51 -1.38 -7.90
N ASP A 699 -3.85 -1.36 -8.01
CA ASP A 699 -4.60 -0.11 -8.03
C ASP A 699 -4.53 0.61 -6.70
N MET A 700 -4.72 -0.13 -5.62
CA MET A 700 -4.57 0.37 -4.26
C MET A 700 -3.22 1.07 -4.07
N LEU A 701 -2.16 0.40 -4.52
CA LEU A 701 -0.81 0.93 -4.39
C LEU A 701 -0.61 2.26 -5.10
N ILE A 702 -0.91 2.31 -6.40
CA ILE A 702 -0.74 3.53 -7.20
C ILE A 702 -1.52 4.72 -6.61
N LEU A 703 -2.75 4.46 -6.18
CA LEU A 703 -3.63 5.47 -5.60
C LEU A 703 -3.10 6.01 -4.28
N GLN A 704 -2.58 5.12 -3.44
CA GLN A 704 -2.01 5.52 -2.17
C GLN A 704 -0.74 6.35 -2.38
N ILE A 705 0.00 6.03 -3.44
CA ILE A 705 1.18 6.80 -3.78
C ILE A 705 0.77 8.20 -4.24
N LEU A 706 -0.37 8.29 -4.93
CA LEU A 706 -0.91 9.57 -5.37
C LEU A 706 -1.26 10.44 -4.18
N ARG A 707 -1.78 9.82 -3.13
CA ARG A 707 -2.12 10.52 -1.90
C ARG A 707 -0.86 11.04 -1.23
N ILE A 708 0.16 10.21 -1.20
CA ILE A 708 1.44 10.60 -0.64
C ILE A 708 2.01 11.82 -1.39
N MET A 709 1.83 11.83 -2.70
CA MET A 709 2.27 12.95 -3.55
C MET A 709 1.49 14.22 -3.23
N GLU A 710 0.20 14.07 -2.89
CA GLU A 710 -0.62 15.21 -2.48
C GLU A 710 -0.13 15.80 -1.16
N SER A 711 0.02 14.96 -0.13
CA SER A 711 0.52 15.43 1.17
C SER A 711 1.92 16.03 1.05
N ILE A 712 2.73 15.49 0.14
CA ILE A 712 4.05 16.07 -0.17
C ILE A 712 3.88 17.50 -0.65
N TRP A 713 2.94 17.68 -1.58
CA TRP A 713 2.69 18.98 -2.16
C TRP A 713 2.12 19.98 -1.16
N GLU A 714 1.38 19.47 -0.17
CA GLU A 714 0.85 20.30 0.89
C GLU A 714 1.96 20.94 1.75
N THR A 715 3.06 20.22 1.97
CA THR A 715 4.22 20.76 2.70
C THR A 715 4.76 22.01 2.01
N GLU A 716 4.55 22.10 0.69
CA GLU A 716 4.99 23.24 -0.10
C GLU A 716 3.80 24.10 -0.53
N SER A 717 2.69 23.97 0.21
CA SER A 717 1.47 24.77 0.00
C SER A 717 0.91 24.72 -1.44
N LEU A 718 0.93 23.53 -2.04
CA LEU A 718 0.40 23.32 -3.38
C LEU A 718 -0.73 22.32 -3.33
N ASP A 719 -1.72 22.52 -4.19
CA ASP A 719 -2.90 21.67 -4.25
C ASP A 719 -3.12 21.39 -5.72
N LEU A 720 -2.71 20.21 -6.16
CA LEU A 720 -2.80 19.86 -7.57
C LEU A 720 -4.06 19.07 -7.90
N CYS A 721 -5.03 19.13 -6.98
CA CYS A 721 -6.40 18.66 -7.18
C CYS A 721 -6.58 17.26 -7.78
N LEU A 722 -5.62 16.36 -7.50
CA LEU A 722 -5.74 14.97 -7.90
C LEU A 722 -7.02 14.40 -7.32
N LEU A 723 -7.55 13.37 -7.98
CA LEU A 723 -8.73 12.66 -7.48
C LEU A 723 -8.41 11.18 -7.29
N PRO A 724 -7.81 10.82 -6.14
CA PRO A 724 -7.54 9.41 -5.86
C PRO A 724 -8.76 8.76 -5.20
N TYR A 725 -9.65 8.23 -6.05
CA TYR A 725 -10.94 7.68 -5.62
C TYR A 725 -10.73 6.42 -4.78
N GLY A 726 -11.72 6.12 -3.93
CA GLY A 726 -11.69 4.91 -3.12
C GLY A 726 -11.65 3.64 -3.95
N CYS A 727 -10.80 2.72 -3.54
CA CYS A 727 -10.56 1.46 -4.24
C CYS A 727 -10.05 0.46 -3.23
N ILE A 728 -10.89 -0.49 -2.85
CA ILE A 728 -10.51 -1.51 -1.88
C ILE A 728 -10.62 -2.91 -2.48
N SER A 729 -9.48 -3.59 -2.60
CA SER A 729 -9.49 -5.03 -2.77
C SER A 729 -10.13 -5.64 -1.52
N THR A 730 -11.07 -6.56 -1.70
CA THR A 730 -11.90 -7.06 -0.59
C THR A 730 -11.78 -8.57 -0.42
N GLY A 731 -11.44 -9.26 -1.50
CA GLY A 731 -11.33 -10.69 -1.45
C GLY A 731 -10.52 -11.14 -2.62
N ASP A 732 -10.63 -12.43 -2.94
CA ASP A 732 -9.86 -13.01 -4.02
C ASP A 732 -10.38 -12.51 -5.35
N LYS A 733 -9.62 -11.59 -5.95
CA LYS A 733 -9.94 -11.03 -7.27
C LYS A 733 -11.26 -10.24 -7.27
N ILE A 734 -11.67 -9.81 -6.08
CA ILE A 734 -12.88 -9.02 -5.91
C ILE A 734 -12.64 -7.73 -5.10
N GLY A 735 -13.30 -6.65 -5.50
CA GLY A 735 -13.23 -5.40 -4.75
C GLY A 735 -14.29 -4.38 -5.05
N MET A 736 -14.20 -3.23 -4.36
CA MET A 736 -15.07 -2.11 -4.63
C MET A 736 -14.31 -0.84 -5.01
N ILE A 737 -14.95 -0.04 -5.85
CA ILE A 737 -14.38 1.20 -6.34
C ILE A 737 -15.42 2.29 -6.17
N GLU A 738 -14.99 3.43 -5.63
CA GLU A 738 -15.86 4.58 -5.48
C GLU A 738 -16.23 5.09 -6.86
N ILE A 739 -17.53 5.29 -7.07
CA ILE A 739 -18.04 5.97 -8.24
C ILE A 739 -17.91 7.47 -7.97
N VAL A 740 -17.17 8.15 -8.83
CA VAL A 740 -17.06 9.59 -8.74
C VAL A 740 -18.28 10.19 -9.43
N LYS A 741 -19.03 10.99 -8.68
CA LYS A 741 -20.25 11.61 -9.20
C LYS A 741 -19.93 12.68 -10.24
N ASP A 742 -20.84 12.82 -11.21
CA ASP A 742 -20.75 13.86 -12.24
C ASP A 742 -19.50 13.78 -13.13
N ALA A 743 -19.06 12.57 -13.43
CA ALA A 743 -17.86 12.37 -14.25
C ALA A 743 -18.12 11.55 -15.52
N THR A 744 -17.32 11.78 -16.55
CA THR A 744 -17.39 11.00 -17.78
C THR A 744 -15.99 10.82 -18.38
N THR A 745 -15.81 9.83 -19.23
CA THR A 745 -14.50 9.57 -19.85
C THR A 745 -14.28 10.47 -21.04
N ILE A 746 -13.06 10.96 -21.18
CA ILE A 746 -12.65 11.78 -22.32
C ILE A 746 -13.08 11.15 -23.66
N ALA A 747 -12.87 9.85 -23.81
CA ALA A 747 -13.24 9.13 -25.01
C ALA A 747 -14.73 9.26 -25.36
N LYS A 748 -15.60 9.14 -24.34
CA LYS A 748 -17.04 9.25 -24.53
C LYS A 748 -17.48 10.65 -24.95
N ILE A 749 -16.73 11.66 -24.51
CA ILE A 749 -16.95 13.04 -24.94
C ILE A 749 -16.63 13.19 -26.43
N GLN A 750 -15.67 12.40 -26.92
CA GLN A 750 -15.33 12.38 -28.34
C GLN A 750 -16.34 11.58 -29.16
N GLN A 751 -16.92 10.55 -28.53
CA GLN A 751 -17.96 9.74 -29.16
C GLN A 751 -19.35 10.39 -29.05
N SER A 752 -19.40 11.64 -28.59
CA SER A 752 -20.66 12.36 -28.43
C SER A 752 -20.82 13.47 -29.48
N THR A 753 -19.72 14.13 -29.82
CA THR A 753 -19.71 15.18 -30.85
C THR A 753 -19.24 14.64 -32.19
N VAL A 754 -18.18 13.83 -32.17
CA VAL A 754 -17.57 13.31 -33.39
C VAL A 754 -18.13 11.93 -33.79
N GLY A 755 -17.95 10.93 -32.93
CA GLY A 755 -18.45 9.58 -33.21
C GLY A 755 -17.48 8.46 -32.94
N ASN A 756 -17.55 7.41 -33.77
CA ASN A 756 -16.83 6.16 -33.54
C ASN A 756 -15.31 6.19 -33.74
N THR A 757 -14.86 6.17 -34.99
CA THR A 757 -13.45 5.89 -35.35
C THR A 757 -12.42 6.79 -34.68
N GLY A 758 -12.65 8.11 -34.67
CA GLY A 758 -11.81 9.03 -33.90
C GLY A 758 -11.14 10.14 -34.70
N ALA A 759 -11.95 11.04 -35.25
CA ALA A 759 -11.47 12.26 -35.89
C ALA A 759 -11.35 13.38 -34.87
N PHE A 760 -10.60 13.11 -33.79
CA PHE A 760 -10.53 13.98 -32.60
C PHE A 760 -10.44 15.49 -32.91
N LYS A 761 -11.24 16.28 -32.20
CA LYS A 761 -11.25 17.72 -32.37
C LYS A 761 -10.89 18.46 -31.08
N ASP A 762 -10.13 19.54 -31.23
CA ASP A 762 -9.56 20.28 -30.10
C ASP A 762 -10.62 20.95 -29.21
N GLU A 763 -11.66 21.46 -29.84
CA GLU A 763 -12.70 22.25 -29.16
C GLU A 763 -13.63 21.41 -28.28
N VAL A 764 -13.86 20.16 -28.67
CA VAL A 764 -14.90 19.30 -28.10
C VAL A 764 -14.93 19.19 -26.56
N LEU A 765 -13.77 19.22 -25.93
CA LEU A 765 -13.70 19.17 -24.47
C LEU A 765 -14.16 20.50 -23.87
N ASN A 766 -13.74 21.59 -24.48
CA ASN A 766 -14.02 22.92 -23.98
C ASN A 766 -15.50 23.31 -23.98
N HIS A 767 -16.24 22.95 -25.03
CA HIS A 767 -17.68 23.26 -25.09
C HIS A 767 -18.56 22.19 -24.43
N TRP A 768 -17.96 21.04 -24.12
CA TRP A 768 -18.57 20.08 -23.20
C TRP A 768 -18.58 20.67 -21.80
N LEU A 769 -17.49 21.35 -21.45
CA LEU A 769 -17.36 22.01 -20.15
C LEU A 769 -18.39 23.13 -19.95
N LYS A 770 -18.61 23.94 -20.98
CA LYS A 770 -19.50 25.08 -20.87
C LYS A 770 -20.97 24.68 -20.79
N GLU A 771 -21.34 23.61 -21.47
CA GLU A 771 -22.73 23.10 -21.43
C GLU A 771 -23.08 22.48 -20.06
N LYS A 772 -22.06 22.04 -19.33
CA LYS A 772 -22.23 21.52 -17.98
C LYS A 772 -21.94 22.59 -16.92
N SER A 773 -21.55 23.78 -17.39
CA SER A 773 -21.32 24.92 -16.52
C SER A 773 -22.58 25.78 -16.43
N PRO A 774 -23.06 26.02 -15.19
CA PRO A 774 -24.26 26.83 -15.01
C PRO A 774 -24.05 28.29 -15.44
N THR A 775 -22.86 28.81 -15.17
CA THR A 775 -22.52 30.21 -15.43
C THR A 775 -21.11 30.32 -16.02
N GLU A 776 -20.71 31.54 -16.37
CA GLU A 776 -19.32 31.83 -16.71
C GLU A 776 -18.47 31.85 -15.43
N GLU A 777 -19.11 32.23 -14.33
CA GLU A 777 -18.48 32.26 -13.01
C GLU A 777 -17.90 30.90 -12.65
N LYS A 778 -18.73 29.87 -12.71
CA LYS A 778 -18.32 28.51 -12.34
C LYS A 778 -17.47 27.87 -13.43
N PHE A 779 -17.71 28.25 -14.69
CA PHE A 779 -16.92 27.75 -15.82
C PHE A 779 -15.44 28.07 -15.69
N GLN A 780 -15.11 29.26 -15.20
CA GLN A 780 -13.70 29.61 -14.97
C GLN A 780 -13.08 28.76 -13.87
N ALA A 781 -13.84 28.52 -12.80
CA ALA A 781 -13.40 27.66 -11.70
C ALA A 781 -13.17 26.24 -12.21
N ALA A 782 -13.91 25.87 -13.25
CA ALA A 782 -13.73 24.59 -13.95
C ALA A 782 -12.40 24.56 -14.72
N VAL A 783 -12.13 25.60 -15.49
CA VAL A 783 -10.86 25.76 -16.21
C VAL A 783 -9.70 25.83 -15.21
N GLU A 784 -9.96 26.44 -14.06
CA GLU A 784 -8.99 26.55 -12.97
C GLU A 784 -8.66 25.17 -12.40
N ARG A 785 -9.72 24.43 -12.07
CA ARG A 785 -9.61 23.07 -11.57
C ARG A 785 -8.91 22.15 -12.58
N PHE A 786 -9.17 22.40 -13.87
CA PHE A 786 -8.61 21.59 -14.95
C PHE A 786 -7.12 21.82 -15.11
N VAL A 787 -6.69 23.07 -14.95
CA VAL A 787 -5.27 23.42 -15.06
C VAL A 787 -4.45 22.71 -13.98
N TYR A 788 -4.96 22.70 -12.74
CA TYR A 788 -4.29 22.03 -11.63
C TYR A 788 -4.31 20.51 -11.77
N SER A 789 -5.50 19.95 -11.99
CA SER A 789 -5.70 18.51 -12.13
C SER A 789 -4.77 17.95 -13.19
N CYS A 790 -4.83 18.54 -14.37
CA CYS A 790 -4.02 18.15 -15.50
C CYS A 790 -2.53 18.19 -15.17
N ALA A 791 -2.13 19.20 -14.41
CA ALA A 791 -0.73 19.37 -14.01
C ALA A 791 -0.27 18.29 -13.01
N GLY A 792 -1.15 17.93 -12.09
CA GLY A 792 -0.88 16.86 -11.13
C GLY A 792 -0.66 15.51 -11.77
N TYR A 793 -1.59 15.13 -12.64
CA TYR A 793 -1.55 13.81 -13.30
C TYR A 793 -0.46 13.69 -14.36
N CYS A 794 -0.04 14.81 -14.93
CA CYS A 794 1.09 14.82 -15.85
C CYS A 794 2.39 14.52 -15.09
N VAL A 795 2.54 15.14 -13.92
CA VAL A 795 3.73 14.95 -13.10
C VAL A 795 3.74 13.57 -12.44
N ALA A 796 2.67 13.29 -11.69
CA ALA A 796 2.50 12.02 -10.99
C ALA A 796 2.74 10.81 -11.89
N THR A 797 2.11 10.79 -13.04
CA THR A 797 2.22 9.65 -13.95
C THR A 797 3.57 9.56 -14.67
N PHE A 798 4.26 10.67 -14.88
CA PHE A 798 5.59 10.61 -15.50
C PHE A 798 6.57 9.90 -14.57
N VAL A 799 6.59 10.35 -13.31
CA VAL A 799 7.44 9.79 -12.27
C VAL A 799 7.20 8.29 -12.12
N LEU A 800 5.93 7.89 -12.10
CA LEU A 800 5.55 6.49 -11.93
C LEU A 800 5.68 5.70 -13.22
N GLY A 801 5.85 6.39 -14.33
CA GLY A 801 5.96 5.75 -15.64
C GLY A 801 4.66 5.11 -16.09
N ILE A 802 3.54 5.78 -15.81
CA ILE A 802 2.21 5.29 -16.20
C ILE A 802 1.43 6.38 -16.94
N GLY A 803 2.16 7.25 -17.64
CA GLY A 803 1.58 8.44 -18.28
C GLY A 803 0.94 8.26 -19.64
N ASP A 804 1.33 7.21 -20.37
CA ASP A 804 0.77 6.95 -21.69
C ASP A 804 -0.46 6.03 -21.62
N ARG A 805 -1.64 6.64 -21.46
CA ARG A 805 -2.90 5.90 -21.34
C ARG A 805 -3.84 6.23 -22.49
N HIS A 806 -4.57 5.22 -22.97
CA HIS A 806 -5.64 5.47 -23.94
C HIS A 806 -6.80 6.20 -23.26
N ASN A 807 -7.39 7.16 -23.98
CA ASN A 807 -8.24 8.21 -23.38
C ASN A 807 -9.62 7.81 -22.84
N ASP A 808 -9.97 6.53 -22.96
CA ASP A 808 -11.12 5.99 -22.24
C ASP A 808 -10.77 5.72 -20.78
N ASN A 809 -9.46 5.61 -20.49
CA ASN A 809 -8.96 5.43 -19.13
C ASN A 809 -8.67 6.75 -18.41
N ILE A 810 -9.11 7.87 -18.98
CA ILE A 810 -8.96 9.20 -18.35
C ILE A 810 -10.34 9.85 -18.21
N MET A 811 -10.59 10.46 -17.07
CA MET A 811 -11.91 11.05 -16.82
C MET A 811 -11.85 12.53 -16.41
N ILE A 812 -12.97 13.22 -16.57
CA ILE A 812 -13.16 14.57 -16.05
C ILE A 812 -14.51 14.73 -15.35
N THR A 813 -14.51 15.46 -14.24
CA THR A 813 -15.75 15.81 -13.56
C THR A 813 -16.39 17.03 -14.22
N GLU A 814 -17.66 17.26 -13.93
CA GLU A 814 -18.40 18.39 -14.50
C GLU A 814 -17.95 19.75 -13.94
N THR A 815 -16.92 19.74 -13.09
CA THR A 815 -16.37 20.98 -12.53
C THR A 815 -14.88 21.13 -12.85
N GLY A 816 -14.43 20.44 -13.90
CA GLY A 816 -13.08 20.61 -14.42
C GLY A 816 -12.05 19.59 -13.98
N ASN A 817 -12.35 18.80 -12.95
CA ASN A 817 -11.37 17.91 -12.34
C ASN A 817 -10.99 16.71 -13.21
N LEU A 818 -9.83 16.79 -13.85
CA LEU A 818 -9.27 15.66 -14.59
C LEU A 818 -8.70 14.61 -13.63
N PHE A 819 -8.90 13.33 -13.95
CA PHE A 819 -8.32 12.22 -13.19
C PHE A 819 -8.24 10.93 -13.98
N HIS A 820 -7.13 10.20 -13.82
CA HIS A 820 -6.91 8.89 -14.47
C HIS A 820 -7.61 7.73 -13.73
N ILE A 821 -7.94 6.67 -14.46
CA ILE A 821 -8.50 5.44 -13.85
C ILE A 821 -7.76 4.16 -14.29
N ASP A 822 -8.21 3.03 -13.76
CA ASP A 822 -7.68 1.69 -14.05
C ASP A 822 -6.14 1.54 -14.04
N PHE A 823 -5.54 1.76 -12.88
CA PHE A 823 -4.08 1.72 -12.77
C PHE A 823 -3.48 0.32 -12.78
N GLY A 824 -4.31 -0.71 -12.59
CA GLY A 824 -3.80 -2.06 -12.46
C GLY A 824 -3.55 -2.80 -13.77
N HIS A 825 -3.04 -2.10 -14.77
CA HIS A 825 -2.80 -2.72 -16.07
C HIS A 825 -1.34 -2.65 -16.54
N ILE A 826 -0.61 -1.65 -16.07
CA ILE A 826 0.79 -1.45 -16.45
C ILE A 826 1.65 -0.97 -15.30
N LYS A 838 5.61 0.40 -32.29
CA LYS A 838 5.23 1.27 -31.17
C LYS A 838 6.11 2.52 -31.10
N GLU A 839 5.50 3.62 -30.69
CA GLU A 839 6.24 4.84 -30.37
C GLU A 839 5.57 5.56 -29.19
N ARG A 840 6.40 5.97 -28.23
CA ARG A 840 5.93 6.31 -26.89
C ARG A 840 5.60 7.81 -26.68
N VAL A 841 5.12 8.14 -25.49
CA VAL A 841 4.81 9.51 -25.08
C VAL A 841 4.89 9.61 -23.54
N PRO A 842 5.48 10.70 -23.00
CA PRO A 842 5.69 10.78 -21.54
C PRO A 842 4.41 10.75 -20.72
N PHE A 843 3.39 11.46 -21.18
CA PHE A 843 2.06 11.46 -20.55
C PHE A 843 0.98 11.85 -21.56
N VAL A 844 -0.21 12.23 -21.07
CA VAL A 844 -1.29 12.64 -21.97
C VAL A 844 -1.54 14.14 -21.91
N LEU A 845 -0.96 14.86 -22.87
CA LEU A 845 -1.23 16.27 -23.07
C LEU A 845 -1.67 16.48 -24.51
N THR A 846 -2.89 16.02 -24.79
CA THR A 846 -3.47 16.08 -26.12
C THR A 846 -4.02 17.48 -26.42
N PRO A 847 -4.20 17.83 -27.71
CA PRO A 847 -4.69 19.16 -28.12
C PRO A 847 -6.01 19.62 -27.48
N ASP A 848 -6.93 18.71 -27.19
CA ASP A 848 -8.18 19.06 -26.54
C ASP A 848 -7.96 19.60 -25.12
N PHE A 849 -7.00 19.01 -24.40
CA PHE A 849 -6.53 19.53 -23.12
C PHE A 849 -5.88 20.88 -23.31
N LEU A 850 -5.12 21.02 -24.40
CA LEU A 850 -4.36 22.23 -24.68
C LEU A 850 -5.23 23.42 -25.08
N PHE A 851 -6.36 23.15 -25.74
CA PHE A 851 -7.26 24.23 -26.16
C PHE A 851 -8.11 24.76 -25.01
N VAL A 852 -8.35 23.94 -23.99
CA VAL A 852 -9.00 24.42 -22.77
C VAL A 852 -8.14 25.51 -22.14
N MET A 853 -6.83 25.39 -22.37
CA MET A 853 -5.86 26.39 -21.92
C MET A 853 -5.74 27.53 -22.94
N GLY A 854 -6.10 27.26 -24.19
CA GLY A 854 -6.18 28.28 -25.24
C GLY A 854 -5.07 28.27 -26.27
N THR A 855 -4.57 27.07 -26.59
CA THR A 855 -3.39 26.91 -27.44
C THR A 855 -3.66 25.89 -28.57
N SER A 856 -2.91 26.03 -29.68
CA SER A 856 -3.08 25.14 -30.83
C SER A 856 -1.76 24.89 -31.57
N GLY A 857 -1.19 23.70 -31.38
CA GLY A 857 0.00 23.27 -32.11
C GLY A 857 1.29 23.88 -31.62
N LYS A 858 1.45 25.19 -31.84
CA LYS A 858 2.67 25.91 -31.47
C LYS A 858 2.41 27.37 -31.06
N LYS A 859 1.95 27.55 -29.83
CA LYS A 859 1.73 28.88 -29.25
C LYS A 859 2.00 28.88 -27.74
N THR A 860 1.77 30.02 -27.08
CA THR A 860 1.84 30.13 -25.63
C THR A 860 0.67 30.96 -25.08
N SER A 861 -0.09 30.37 -24.16
CA SER A 861 -1.28 31.00 -23.60
C SER A 861 -1.09 31.33 -22.12
N PRO A 862 -1.80 32.36 -21.61
CA PRO A 862 -1.78 32.71 -20.18
C PRO A 862 -2.09 31.51 -19.25
N HIS A 863 -3.10 30.71 -19.60
CA HIS A 863 -3.43 29.52 -18.81
C HIS A 863 -2.40 28.40 -19.02
N PHE A 864 -1.73 28.40 -20.18
CA PHE A 864 -0.68 27.43 -20.47
C PHE A 864 0.61 27.77 -19.71
N GLN A 865 0.94 29.05 -19.66
CA GLN A 865 2.09 29.54 -18.90
C GLN A 865 1.95 29.15 -17.41
N LYS A 866 0.70 28.98 -16.98
CA LYS A 866 0.38 28.54 -15.63
C LYS A 866 0.59 27.03 -15.51
N PHE A 867 0.19 26.29 -16.55
CA PHE A 867 0.41 24.85 -16.61
C PHE A 867 1.89 24.53 -16.51
N GLN A 868 2.70 25.21 -17.32
CA GLN A 868 4.15 25.04 -17.27
C GLN A 868 4.70 25.46 -15.92
N ASP A 869 4.14 26.52 -15.35
CA ASP A 869 4.51 27.00 -14.02
C ASP A 869 4.28 25.94 -12.94
N ILE A 870 3.08 25.37 -12.92
CA ILE A 870 2.66 24.45 -11.87
C ILE A 870 3.37 23.10 -11.99
N CYS A 871 3.48 22.58 -13.21
CA CYS A 871 4.19 21.34 -13.45
C CYS A 871 5.61 21.44 -12.92
N VAL A 872 6.38 22.39 -13.46
CA VAL A 872 7.76 22.62 -13.04
C VAL A 872 7.91 22.69 -11.52
N LYS A 873 6.99 23.38 -10.85
CA LYS A 873 7.02 23.51 -9.40
C LYS A 873 6.61 22.22 -8.70
N ALA A 874 5.62 21.52 -9.26
CA ALA A 874 5.20 20.20 -8.75
C ALA A 874 6.27 19.14 -8.92
N TYR A 875 6.95 19.20 -10.07
CA TYR A 875 8.01 18.26 -10.38
C TYR A 875 9.20 18.45 -9.43
N LEU A 876 9.62 19.71 -9.26
CA LEU A 876 10.74 20.02 -8.36
C LEU A 876 10.42 19.72 -6.91
N ALA A 877 9.19 19.94 -6.50
CA ALA A 877 8.75 19.56 -5.15
C ALA A 877 8.91 18.04 -4.93
N LEU A 878 8.45 17.24 -5.89
CA LEU A 878 8.66 15.80 -5.78
C LEU A 878 10.15 15.46 -5.68
N ARG A 879 10.99 16.19 -6.43
CA ARG A 879 12.44 15.94 -6.44
C ARG A 879 13.11 16.17 -5.08
N HIS A 880 12.50 17.03 -4.25
CA HIS A 880 13.00 17.27 -2.89
C HIS A 880 12.69 16.12 -1.96
N HIS A 881 12.00 15.10 -2.48
CA HIS A 881 11.71 13.88 -1.74
C HIS A 881 12.07 12.68 -2.58
N THR A 882 13.15 12.83 -3.36
CA THR A 882 13.65 11.79 -4.24
C THR A 882 13.74 10.43 -3.54
N ASN A 883 14.49 10.39 -2.44
CA ASN A 883 14.71 9.16 -1.69
C ASN A 883 13.43 8.46 -1.32
N LEU A 884 12.50 9.21 -0.73
CA LEU A 884 11.20 8.64 -0.32
C LEU A 884 10.42 7.99 -1.48
N LEU A 885 10.31 8.71 -2.60
CA LEU A 885 9.59 8.23 -3.77
C LEU A 885 10.28 7.04 -4.43
N ILE A 886 11.61 7.09 -4.52
CA ILE A 886 12.39 5.95 -4.98
C ILE A 886 12.07 4.70 -4.15
N ILE A 887 12.04 4.86 -2.82
CA ILE A 887 11.81 3.71 -1.94
C ILE A 887 10.40 3.14 -2.05
N LEU A 888 9.40 4.03 -2.08
CA LEU A 888 8.01 3.59 -2.28
C LEU A 888 7.83 2.92 -3.63
N PHE A 889 8.53 3.42 -4.64
CA PHE A 889 8.47 2.84 -5.97
C PHE A 889 9.08 1.44 -5.96
N SER A 890 10.26 1.30 -5.37
CA SER A 890 10.90 -0.02 -5.24
C SER A 890 10.01 -1.02 -4.56
N MET A 891 9.45 -0.62 -3.41
CA MET A 891 8.63 -1.50 -2.59
C MET A 891 7.34 -1.90 -3.29
N MET A 892 6.73 -0.94 -3.97
CA MET A 892 5.54 -1.18 -4.78
C MET A 892 5.77 -2.33 -5.74
N LEU A 893 6.85 -2.25 -6.51
CA LEU A 893 7.17 -3.25 -7.52
C LEU A 893 7.47 -4.61 -6.90
N MET A 894 8.10 -4.60 -5.73
CA MET A 894 8.56 -5.84 -5.08
C MET A 894 7.47 -6.60 -4.32
N THR A 895 6.42 -5.91 -3.91
CA THR A 895 5.37 -6.51 -3.09
C THR A 895 4.02 -6.50 -3.80
N GLY A 896 3.92 -5.72 -4.87
CA GLY A 896 2.64 -5.49 -5.54
C GLY A 896 2.53 -6.01 -6.96
N MET A 897 3.60 -5.91 -7.73
CA MET A 897 3.63 -6.39 -9.11
C MET A 897 4.33 -7.74 -9.25
N PRO A 898 3.57 -8.82 -9.45
CA PRO A 898 4.19 -10.11 -9.75
C PRO A 898 4.76 -10.11 -11.17
N GLN A 899 5.81 -9.32 -11.37
CA GLN A 899 6.38 -9.05 -12.68
C GLN A 899 7.84 -9.53 -12.75
N LEU A 900 8.22 -10.37 -11.79
CA LEU A 900 9.61 -10.82 -11.60
C LEU A 900 10.55 -9.60 -11.64
N THR A 901 10.11 -8.51 -11.00
CA THR A 901 10.69 -7.17 -11.20
C THR A 901 12.22 -7.10 -11.18
N SER A 902 12.74 -6.29 -12.10
CA SER A 902 14.17 -6.13 -12.29
C SER A 902 14.63 -4.79 -11.76
N LYS A 903 15.95 -4.62 -11.66
CA LYS A 903 16.57 -3.34 -11.33
C LYS A 903 16.18 -2.30 -12.38
N GLU A 904 16.21 -2.70 -13.65
CA GLU A 904 15.93 -1.82 -14.79
C GLU A 904 14.50 -1.28 -14.75
N ASP A 905 13.59 -2.07 -14.19
CA ASP A 905 12.23 -1.60 -13.96
C ASP A 905 12.24 -0.54 -12.86
N ILE A 906 13.01 -0.81 -11.80
CA ILE A 906 13.10 0.09 -10.65
C ILE A 906 13.88 1.36 -10.98
N GLU A 907 15.01 1.19 -11.67
CA GLU A 907 15.89 2.32 -11.97
C GLU A 907 15.37 3.14 -13.14
N TYR A 908 14.06 3.06 -13.37
CA TYR A 908 13.37 3.96 -14.29
C TYR A 908 13.14 5.29 -13.59
N ILE A 909 12.73 5.21 -12.32
CA ILE A 909 12.39 6.37 -11.52
C ILE A 909 13.61 7.26 -11.25
N ARG A 910 14.80 6.66 -11.30
CA ARG A 910 16.04 7.44 -11.25
C ARG A 910 16.12 8.41 -12.43
N ASP A 911 15.76 7.91 -13.62
CA ASP A 911 15.69 8.74 -14.81
C ASP A 911 14.62 9.81 -14.64
N ALA A 912 13.38 9.37 -14.39
CA ALA A 912 12.23 10.26 -14.30
C ALA A 912 12.42 11.44 -13.34
N LEU A 913 13.09 11.19 -12.22
CA LEU A 913 13.30 12.23 -11.22
C LEU A 913 14.61 13.00 -11.42
N THR A 914 15.28 12.74 -12.55
CA THR A 914 16.55 13.38 -12.91
C THR A 914 17.55 13.51 -11.74
N VAL A 915 17.82 12.37 -11.12
CA VAL A 915 18.78 12.26 -10.04
C VAL A 915 20.13 12.89 -10.41
N GLY A 916 20.75 13.55 -9.44
CA GLY A 916 22.10 14.09 -9.58
C GLY A 916 22.22 15.30 -10.47
N LYS A 917 21.08 15.87 -10.85
CA LYS A 917 21.06 17.05 -11.72
C LYS A 917 20.65 18.30 -10.93
N ASN A 918 21.13 19.46 -11.37
CA ASN A 918 20.74 20.72 -10.75
C ASN A 918 19.30 21.10 -11.11
N GLU A 919 18.71 22.01 -10.32
CA GLU A 919 17.32 22.41 -10.52
C GLU A 919 17.07 23.04 -11.88
N GLU A 920 17.97 23.94 -12.29
CA GLU A 920 17.90 24.56 -13.62
C GLU A 920 17.71 23.49 -14.70
N ASP A 921 18.58 22.49 -14.69
CA ASP A 921 18.59 21.42 -15.70
C ASP A 921 17.34 20.54 -15.67
N ALA A 922 16.82 20.30 -14.46
CA ALA A 922 15.60 19.50 -14.28
C ALA A 922 14.35 20.20 -14.84
N LYS A 923 14.30 21.52 -14.72
CA LYS A 923 13.22 22.33 -15.31
C LYS A 923 13.20 22.18 -16.83
N LYS A 924 14.39 22.17 -17.44
CA LYS A 924 14.53 22.03 -18.89
C LYS A 924 14.06 20.65 -19.36
N TYR A 925 14.47 19.61 -18.63
CA TYR A 925 14.17 18.23 -18.99
C TYR A 925 12.67 17.98 -19.06
N PHE A 926 11.95 18.44 -18.05
CA PHE A 926 10.50 18.27 -18.01
C PHE A 926 9.81 19.08 -19.11
N LEU A 927 10.29 20.30 -19.33
CA LEU A 927 9.74 21.16 -20.38
C LEU A 927 9.87 20.52 -21.76
N ASP A 928 10.94 19.76 -21.96
CA ASP A 928 11.09 18.92 -23.16
C ASP A 928 9.94 17.90 -23.28
N GLN A 929 9.64 17.23 -22.17
CA GLN A 929 8.54 16.24 -22.13
C GLN A 929 7.22 16.87 -22.59
N ILE A 930 6.92 18.05 -22.06
CA ILE A 930 5.75 18.84 -22.49
C ILE A 930 5.76 19.01 -24.01
N GLU A 931 6.92 19.39 -24.55
CA GLU A 931 7.09 19.58 -25.99
C GLU A 931 7.01 18.29 -26.80
N VAL A 932 7.43 17.17 -26.20
CA VAL A 932 7.33 15.86 -26.85
C VAL A 932 5.86 15.49 -27.08
N CYS A 933 5.04 15.68 -26.04
CA CYS A 933 3.59 15.50 -26.12
C CYS A 933 2.96 16.33 -27.26
N ARG A 934 3.45 17.55 -27.46
CA ARG A 934 2.95 18.42 -28.52
C ARG A 934 3.15 17.79 -29.88
N ASP A 935 4.39 17.36 -30.15
CA ASP A 935 4.79 16.81 -31.45
C ASP A 935 3.92 15.64 -31.93
N LYS A 936 3.48 14.81 -31.00
CA LYS A 936 2.75 13.57 -31.31
C LYS A 936 1.27 13.80 -31.60
N GLY A 937 0.71 14.86 -31.03
CA GLY A 937 -0.68 15.26 -31.28
C GLY A 937 -1.75 14.23 -30.96
N TRP A 938 -1.96 13.30 -31.88
CA TRP A 938 -3.00 12.26 -31.75
C TRP A 938 -2.49 10.91 -32.27
N THR A 939 -1.16 10.85 -32.51
CA THR A 939 -0.54 9.67 -33.11
C THR A 939 -0.65 8.42 -32.21
N VAL A 940 -0.38 8.60 -30.92
CA VAL A 940 -0.45 7.49 -29.98
C VAL A 940 -1.90 7.10 -29.68
N GLN A 941 -2.78 8.09 -29.52
CA GLN A 941 -4.20 7.82 -29.25
C GLN A 941 -4.83 6.97 -30.37
N PHE A 942 -4.63 7.39 -31.62
CA PHE A 942 -5.12 6.64 -32.77
C PHE A 942 -4.52 5.23 -32.86
N ASN A 943 -3.24 5.13 -32.50
CA ASN A 943 -2.49 3.86 -32.60
C ASN A 943 -3.05 2.70 -31.77
N TRP A 944 -3.71 3.00 -30.66
CA TRP A 944 -4.37 1.98 -29.84
C TRP A 944 -5.47 1.26 -30.62
N PHE A 945 -6.15 2.00 -31.49
CA PHE A 945 -7.37 1.52 -32.14
C PHE A 945 -7.14 0.48 -33.24
N LEU A 946 -6.01 -0.21 -33.20
CA LEU A 946 -5.70 -1.30 -34.13
C LEU A 946 -6.64 -2.48 -33.91
S SO4 B . -1.07 27.35 10.79
O1 SO4 B . -0.77 27.75 9.41
O2 SO4 B . -1.90 26.13 10.78
O3 SO4 B . 0.18 27.07 11.49
O4 SO4 B . -1.79 28.42 11.46
S SO4 C . 37.53 -3.18 11.66
O1 SO4 C . 38.84 -3.74 11.33
O2 SO4 C . 36.53 -4.27 11.69
O3 SO4 C . 37.58 -2.51 12.97
O4 SO4 C . 37.16 -2.22 10.62
S SO4 D . -6.05 5.26 2.89
O1 SO4 D . -4.98 4.37 3.31
O2 SO4 D . -7.03 4.49 2.10
O3 SO4 D . -6.71 5.84 4.05
O4 SO4 D . -5.50 6.33 2.06
N1 2NQ E . -10.80 1.89 -12.01
N2 2NQ E . -16.35 7.12 -11.41
C1 2NQ E . -13.45 1.66 -12.73
C2 2NQ E . -12.59 0.57 -12.88
C3 2NQ E . -13.54 -0.01 -15.98
C4 2NQ E . -12.18 -0.01 -16.32
C5 2NQ E . -11.76 0.69 -17.45
C6 2NQ E . -14.06 1.37 -17.87
C7 2NQ E . -13.69 4.72 -10.92
C8 2NQ E . -15.52 6.08 -11.64
C9 2NQ E . -14.78 4.24 -13.01
C10 2NQ E . -16.65 5.64 -13.74
C11 2NQ E . -15.74 4.30 -15.71
C12 2NQ E . -15.95 4.28 -17.22
C13 2NQ E . -18.25 4.82 -15.50
O1 2NQ E . -17.31 3.89 -17.51
C14 2NQ E . -18.24 4.88 -17.03
N3 2NQ E . -16.86 4.92 -14.95
C15 2NQ E . -15.65 5.31 -12.81
C16 2NQ E . -17.48 6.73 -13.44
C17 2NQ E . -17.29 7.45 -12.27
C18 2NQ E . -14.55 5.79 -10.70
C19 2NQ E . -13.80 3.95 -12.07
C20 2NQ E . -12.94 2.87 -12.25
C21 2NQ E . -11.60 2.95 -11.86
C22 2NQ E . -11.26 0.72 -12.49
CL1 2NQ E . -10.19 -0.63 -12.65
N4 2NQ E . -12.99 -0.62 -13.34
S1 2NQ E . -14.03 -0.88 -14.59
O2 2NQ E . -15.41 -0.49 -14.18
O3 2NQ E . -14.00 -2.33 -14.95
C23 2NQ E . -12.71 1.37 -18.22
F1 2NQ E . -12.30 2.06 -19.30
C24 2NQ E . -14.47 0.67 -16.75
#